data_6NVB
#
_entry.id   6NVB
#
_cell.length_a   51.602
_cell.length_b   65.723
_cell.length_c   74.191
_cell.angle_alpha   79.010
_cell.angle_beta   72.910
_cell.angle_gamma   77.620
#
_symmetry.space_group_name_H-M   'P 1'
#
loop_
_entity.id
_entity.type
_entity.pdbx_description
1 polymer Kallikrein-4
2 non-polymer GLYCEROL
3 non-polymer 'SULFATE ION'
4 water water
#
_entity_poly.entity_id   1
_entity_poly.type   'polypeptide(L)'
_entity_poly.pdbx_seq_one_letter_code
;IINGEDCSPHSQPWQAALVMENELFCSGVLVHPQWVLSAAHCFQNSYTIGLGLHSLEADQEPGSQMVEASLSVRHPEYNR
PLLANDLMLIKLDESVSESDTIRSISIASQCPTAGNSCLVSGWGLLANGRMPTVLQCVNVSVVSEEVCSKLYDPLYHPSM
FCAGGGQDQKDSCNGDSGGPLICNGYLQGLVSFGKAPCGQVGVPGVYTNLCKFTEWIEKTVQAS
;
_entity_poly.pdbx_strand_id   A,B,C,D
#
loop_
_chem_comp.id
_chem_comp.type
_chem_comp.name
_chem_comp.formula
GOL non-polymer GLYCEROL 'C3 H8 O3'
SO4 non-polymer 'SULFATE ION' 'O4 S -2'
#
# COMPACT_ATOMS: atom_id res chain seq x y z
N ILE A 1 -25.31 5.21 13.29
CA ILE A 1 -24.86 5.24 14.68
C ILE A 1 -25.88 6.01 15.50
N ILE A 2 -26.46 5.36 16.52
CA ILE A 2 -27.48 5.96 17.37
C ILE A 2 -26.82 6.57 18.60
N ASN A 3 -27.07 7.86 18.83
CA ASN A 3 -26.66 8.56 20.05
C ASN A 3 -25.14 8.64 20.19
N GLY A 4 -24.45 8.73 19.06
CA GLY A 4 -23.03 9.02 19.02
C GLY A 4 -22.77 10.48 18.73
N GLU A 5 -21.56 10.76 18.26
CA GLU A 5 -21.15 12.11 17.92
C GLU A 5 -20.25 12.02 16.70
N ASP A 6 -19.99 13.17 16.07
CA ASP A 6 -18.96 13.21 15.04
C ASP A 6 -17.66 12.61 15.58
N CYS A 7 -17.09 11.68 14.81
CA CYS A 7 -15.71 11.29 15.09
C CYS A 7 -14.81 12.50 14.91
N SER A 8 -13.75 12.57 15.72
CA SER A 8 -12.66 13.47 15.38
C SER A 8 -12.16 13.12 13.99
N PRO A 9 -11.91 14.10 13.12
CA PRO A 9 -11.63 13.77 11.72
C PRO A 9 -10.41 12.88 11.59
N HIS A 10 -10.58 11.80 10.82
CA HIS A 10 -9.53 10.83 10.51
C HIS A 10 -9.03 10.10 11.75
N SER A 11 -9.80 10.10 12.83
CA SER A 11 -9.43 9.33 14.02
C SER A 11 -9.61 7.83 13.82
N GLN A 12 -10.35 7.42 12.79
CA GLN A 12 -10.57 6.00 12.48
C GLN A 12 -10.07 5.75 11.06
N PRO A 13 -8.74 5.82 10.85
CA PRO A 13 -8.20 5.85 9.48
C PRO A 13 -8.32 4.52 8.73
N TRP A 14 -8.75 3.45 9.40
CA TRP A 14 -9.08 2.18 8.76
C TRP A 14 -10.48 2.16 8.16
N GLN A 15 -11.33 3.16 8.44
CA GLN A 15 -12.71 3.11 7.98
C GLN A 15 -12.77 3.18 6.46
N ALA A 16 -13.55 2.27 5.85
CA ALA A 16 -13.78 2.27 4.42
C ALA A 16 -15.26 2.50 4.15
N ALA A 17 -15.58 3.34 3.16
CA ALA A 17 -16.95 3.53 2.71
C ALA A 17 -17.19 2.69 1.48
N LEU A 18 -18.26 1.90 1.49
CA LEU A 18 -18.67 1.13 0.32
C LEU A 18 -19.84 1.85 -0.33
N VAL A 19 -19.63 2.34 -1.55
CA VAL A 19 -20.62 3.18 -2.23
C VAL A 19 -20.93 2.59 -3.59
N MET A 20 -22.17 2.80 -4.04
N MET A 20 -22.18 2.76 -4.03
CA MET A 20 -22.61 2.43 -5.38
CA MET A 20 -22.53 2.50 -5.42
C MET A 20 -23.71 3.41 -5.78
C MET A 20 -23.69 3.39 -5.78
N GLU A 21 -23.70 3.85 -7.04
CA GLU A 21 -24.64 4.85 -7.52
C GLU A 21 -24.65 6.08 -6.61
N ASN A 22 -23.45 6.48 -6.17
CA ASN A 22 -23.22 7.67 -5.35
C ASN A 22 -23.91 7.59 -3.99
N GLU A 23 -24.18 6.39 -3.48
CA GLU A 23 -24.84 6.22 -2.19
C GLU A 23 -24.10 5.18 -1.37
N LEU A 24 -23.81 5.51 -0.12
CA LEU A 24 -23.19 4.53 0.77
C LEU A 24 -24.20 3.45 1.13
N PHE A 25 -23.77 2.20 1.07
CA PHE A 25 -24.61 1.09 1.53
C PHE A 25 -23.98 0.27 2.65
N CYS A 26 -22.68 0.39 2.86
CA CYS A 26 -21.99 -0.36 3.91
C CYS A 26 -20.67 0.34 4.19
N SER A 27 -20.03 -0.04 5.30
CA SER A 27 -18.63 0.27 5.51
C SER A 27 -17.81 -1.02 5.44
N GLY A 28 -16.49 -0.84 5.52
CA GLY A 28 -15.54 -1.92 5.64
C GLY A 28 -14.37 -1.39 6.44
N VAL A 29 -13.36 -2.25 6.61
CA VAL A 29 -12.21 -1.93 7.45
C VAL A 29 -10.94 -2.33 6.70
N LEU A 30 -10.02 -1.37 6.54
CA LEU A 30 -8.73 -1.69 5.92
C LEU A 30 -7.90 -2.54 6.86
N VAL A 31 -7.57 -3.77 6.44
CA VAL A 31 -6.79 -4.68 7.27
C VAL A 31 -5.44 -5.01 6.67
N HIS A 32 -5.16 -4.49 5.48
CA HIS A 32 -3.92 -4.68 4.74
C HIS A 32 -3.94 -3.62 3.66
N PRO A 33 -2.78 -3.16 3.17
CA PRO A 33 -2.80 -2.11 2.13
C PRO A 33 -3.63 -2.45 0.89
N GLN A 34 -3.89 -3.73 0.61
CA GLN A 34 -4.69 -4.09 -0.56
C GLN A 34 -5.98 -4.83 -0.21
N TRP A 35 -6.40 -4.84 1.07
CA TRP A 35 -7.56 -5.64 1.45
C TRP A 35 -8.46 -4.91 2.43
N VAL A 36 -9.76 -4.90 2.12
CA VAL A 36 -10.79 -4.36 3.01
C VAL A 36 -11.64 -5.52 3.50
N LEU A 37 -11.81 -5.58 4.82
CA LEU A 37 -12.67 -6.56 5.47
C LEU A 37 -14.06 -5.94 5.65
N SER A 38 -15.11 -6.66 5.28
CA SER A 38 -16.46 -6.15 5.50
C SER A 38 -17.37 -7.31 5.85
N ALA A 39 -18.65 -7.01 6.07
CA ALA A 39 -19.62 -8.08 6.28
C ALA A 39 -19.93 -8.74 4.95
N ALA A 40 -20.08 -10.07 4.97
CA ALA A 40 -20.44 -10.78 3.75
C ALA A 40 -21.79 -10.34 3.21
N HIS A 41 -22.70 -9.89 4.08
CA HIS A 41 -23.99 -9.45 3.54
C HIS A 41 -23.90 -8.13 2.77
N CYS A 42 -22.73 -7.48 2.76
CA CYS A 42 -22.48 -6.32 1.93
C CYS A 42 -21.92 -6.67 0.56
N PHE A 43 -21.90 -7.95 0.21
CA PHE A 43 -21.36 -8.41 -1.07
C PHE A 43 -21.98 -7.67 -2.26
N GLN A 44 -21.10 -7.27 -3.19
CA GLN A 44 -21.51 -6.81 -4.51
C GLN A 44 -20.53 -7.37 -5.54
N ASN A 45 -20.93 -7.36 -6.81
CA ASN A 45 -20.03 -7.85 -7.86
C ASN A 45 -18.79 -6.98 -8.00
N SER A 46 -18.89 -5.69 -7.68
CA SER A 46 -17.73 -4.82 -7.61
C SER A 46 -18.02 -3.71 -6.61
N TYR A 47 -16.97 -2.97 -6.26
CA TYR A 47 -17.05 -1.96 -5.22
C TYR A 47 -16.36 -0.68 -5.64
N THR A 48 -16.92 0.45 -5.22
CA THR A 48 -16.24 1.72 -5.17
C THR A 48 -15.99 2.00 -3.70
N ILE A 49 -14.72 2.09 -3.32
CA ILE A 49 -14.35 2.13 -1.91
C ILE A 49 -13.68 3.46 -1.60
N GLY A 50 -14.23 4.17 -0.60
CA GLY A 50 -13.72 5.44 -0.19
C GLY A 50 -12.89 5.29 1.08
N LEU A 51 -11.63 5.69 1.00
CA LEU A 51 -10.69 5.60 2.12
C LEU A 51 -10.25 7.01 2.49
N GLY A 52 -9.97 7.22 3.77
CA GLY A 52 -9.53 8.55 4.20
C GLY A 52 -10.63 9.58 4.29
N LEU A 53 -11.88 9.16 4.32
CA LEU A 53 -13.00 10.08 4.30
C LEU A 53 -13.39 10.54 5.71
N HIS A 54 -14.22 11.58 5.75
CA HIS A 54 -14.86 12.03 6.99
C HIS A 54 -16.29 12.38 6.60
N SER A 55 -16.46 13.47 5.85
CA SER A 55 -17.62 13.51 4.98
C SER A 55 -17.41 12.51 3.84
N LEU A 56 -18.47 12.28 3.06
CA LEU A 56 -18.41 11.30 2.00
C LEU A 56 -18.00 11.89 0.66
N GLU A 57 -17.63 13.17 0.61
CA GLU A 57 -17.24 13.84 -0.64
C GLU A 57 -15.73 13.87 -0.72
N ALA A 58 -15.16 13.01 -1.56
CA ALA A 58 -13.71 12.87 -1.62
C ALA A 58 -13.04 14.20 -1.98
N ASP A 59 -13.67 15.00 -2.84
CA ASP A 59 -13.11 16.30 -3.21
C ASP A 59 -12.96 17.24 -2.02
N GLN A 60 -13.71 17.02 -0.94
CA GLN A 60 -13.62 17.83 0.27
C GLN A 60 -12.75 17.19 1.34
N GLU A 61 -12.10 16.06 1.03
CA GLU A 61 -11.32 15.29 1.99
C GLU A 61 -9.92 15.09 1.43
N PRO A 62 -9.04 16.09 1.57
CA PRO A 62 -7.68 15.93 1.05
C PRO A 62 -7.03 14.71 1.68
N GLY A 63 -6.27 13.98 0.86
CA GLY A 63 -5.68 12.73 1.27
C GLY A 63 -6.55 11.50 1.08
N SER A 64 -7.84 11.67 0.80
CA SER A 64 -8.69 10.51 0.60
C SER A 64 -8.40 9.86 -0.75
N GLN A 65 -8.90 8.63 -0.91
CA GLN A 65 -8.79 7.89 -2.15
C GLN A 65 -10.11 7.20 -2.44
N MET A 66 -10.53 7.22 -3.70
CA MET A 66 -11.60 6.38 -4.19
C MET A 66 -10.97 5.32 -5.09
N VAL A 67 -11.14 4.05 -4.72
CA VAL A 67 -10.50 2.96 -5.43
C VAL A 67 -11.56 1.94 -5.82
N GLU A 68 -11.27 1.18 -6.87
CA GLU A 68 -12.15 0.12 -7.34
C GLU A 68 -11.66 -1.24 -6.85
N ALA A 69 -12.59 -2.17 -6.73
CA ALA A 69 -12.31 -3.54 -6.36
C ALA A 69 -13.40 -4.45 -6.94
N SER A 70 -13.02 -5.67 -7.29
CA SER A 70 -14.06 -6.61 -7.70
C SER A 70 -13.89 -8.03 -7.15
N LEU A 71 -12.72 -8.43 -6.70
CA LEU A 71 -12.58 -9.76 -6.12
C LEU A 71 -13.07 -9.70 -4.67
N SER A 72 -14.12 -10.47 -4.38
CA SER A 72 -14.59 -10.69 -3.01
C SER A 72 -14.37 -12.14 -2.64
N VAL A 73 -13.96 -12.38 -1.40
CA VAL A 73 -13.89 -13.73 -0.84
C VAL A 73 -14.82 -13.73 0.36
N ARG A 74 -16.05 -14.21 0.18
CA ARG A 74 -16.94 -14.41 1.32
C ARG A 74 -16.49 -15.62 2.12
N HIS A 75 -16.70 -15.56 3.44
CA HIS A 75 -16.37 -16.71 4.25
C HIS A 75 -17.10 -17.94 3.71
N PRO A 76 -16.44 -19.10 3.62
CA PRO A 76 -17.07 -20.24 2.94
C PRO A 76 -18.32 -20.77 3.62
N GLU A 77 -18.57 -20.45 4.90
CA GLU A 77 -19.82 -20.82 5.56
C GLU A 77 -20.70 -19.61 5.85
N TYR A 78 -20.48 -18.48 5.16
CA TYR A 78 -21.37 -17.33 5.29
C TYR A 78 -22.82 -17.76 5.12
N ASN A 79 -23.65 -17.36 6.07
CA ASN A 79 -25.10 -17.54 6.06
C ASN A 79 -25.50 -19.00 6.24
N ARG A 80 -24.58 -19.86 6.68
CA ARG A 80 -24.89 -21.25 7.02
C ARG A 80 -24.38 -21.51 8.44
N PRO A 81 -25.26 -21.46 9.46
CA PRO A 81 -26.70 -21.17 9.39
C PRO A 81 -27.01 -19.69 9.17
N LEU A 82 -28.30 -19.39 9.00
CA LEU A 82 -28.80 -18.06 8.66
C LEU A 82 -28.14 -16.98 9.51
N LEU A 83 -27.52 -16.02 8.83
CA LEU A 83 -26.88 -14.81 9.34
C LEU A 83 -25.47 -15.06 9.87
N ALA A 84 -25.02 -16.31 10.03
CA ALA A 84 -23.72 -16.59 10.66
C ALA A 84 -22.57 -16.30 9.71
N ASN A 85 -21.36 -16.23 10.29
CA ASN A 85 -20.11 -16.13 9.53
C ASN A 85 -20.13 -14.94 8.56
N ASP A 86 -20.50 -13.79 9.10
CA ASP A 86 -20.81 -12.62 8.27
C ASP A 86 -19.53 -11.80 8.04
N LEU A 87 -18.65 -12.34 7.21
CA LEU A 87 -17.44 -11.60 6.86
C LEU A 87 -16.99 -11.97 5.46
N MET A 88 -16.33 -11.02 4.82
CA MET A 88 -15.75 -11.23 3.49
C MET A 88 -14.58 -10.29 3.32
N LEU A 89 -13.64 -10.69 2.47
CA LEU A 89 -12.45 -9.89 2.18
C LEU A 89 -12.53 -9.37 0.76
N ILE A 90 -12.27 -8.08 0.58
CA ILE A 90 -12.34 -7.40 -0.71
C ILE A 90 -10.93 -7.03 -1.10
N LYS A 91 -10.47 -7.48 -2.28
CA LYS A 91 -9.12 -7.16 -2.75
C LYS A 91 -9.19 -5.89 -3.59
N LEU A 92 -8.52 -4.83 -3.14
CA LEU A 92 -8.44 -3.61 -3.93
C LEU A 92 -7.68 -3.87 -5.22
N ASP A 93 -8.02 -3.11 -6.27
CA ASP A 93 -7.32 -3.27 -7.53
C ASP A 93 -5.84 -2.90 -7.43
N GLU A 94 -5.46 -2.07 -6.47
CA GLU A 94 -4.05 -1.79 -6.22
C GLU A 94 -3.85 -1.52 -4.74
N SER A 95 -2.61 -1.72 -4.28
CA SER A 95 -2.28 -1.42 -2.90
C SER A 95 -2.34 0.09 -2.65
N VAL A 96 -2.81 0.48 -1.47
CA VAL A 96 -2.75 1.88 -1.10
C VAL A 96 -1.45 2.13 -0.36
N SER A 97 -0.88 3.31 -0.55
CA SER A 97 0.25 3.78 0.25
C SER A 97 -0.31 4.41 1.50
N GLU A 98 -0.04 3.80 2.66
CA GLU A 98 -0.71 4.23 3.88
C GLU A 98 -0.19 5.59 4.33
N SER A 99 -1.04 6.27 5.11
CA SER A 99 -0.80 7.63 5.57
C SER A 99 -1.40 7.78 6.96
N ASP A 100 -1.39 9.00 7.50
CA ASP A 100 -2.06 9.22 8.77
C ASP A 100 -3.57 9.16 8.64
N THR A 101 -4.13 9.32 7.44
CA THR A 101 -5.58 9.26 7.27
C THR A 101 -6.08 7.98 6.63
N ILE A 102 -5.19 7.15 6.08
CA ILE A 102 -5.55 5.86 5.49
C ILE A 102 -4.57 4.83 6.04
N ARG A 103 -5.05 3.97 6.94
CA ARG A 103 -4.12 3.11 7.66
C ARG A 103 -4.84 1.84 8.08
N SER A 104 -4.16 0.70 7.98
CA SER A 104 -4.79 -0.55 8.39
CA SER A 104 -4.73 -0.58 8.39
C SER A 104 -4.75 -0.72 9.90
N ILE A 105 -5.61 -1.62 10.39
CA ILE A 105 -5.68 -1.94 11.81
C ILE A 105 -5.53 -3.45 11.99
N SER A 106 -4.90 -3.83 13.11
CA SER A 106 -4.72 -5.23 13.47
C SER A 106 -6.00 -5.81 14.05
N ILE A 107 -6.25 -7.07 13.74
CA ILE A 107 -7.43 -7.79 14.20
C ILE A 107 -7.13 -8.45 15.54
N ALA A 108 -8.09 -8.37 16.46
CA ALA A 108 -7.93 -8.95 17.78
C ALA A 108 -7.75 -10.47 17.71
N SER A 109 -6.76 -10.98 18.43
CA SER A 109 -6.60 -12.42 18.56
C SER A 109 -7.36 -12.97 19.76
N GLN A 110 -7.55 -12.16 20.81
CA GLN A 110 -8.35 -12.55 21.96
C GLN A 110 -9.82 -12.24 21.71
N CYS A 111 -10.70 -13.12 22.17
CA CYS A 111 -12.12 -12.94 21.97
C CYS A 111 -12.68 -11.87 22.93
N PRO A 112 -13.88 -11.35 22.66
CA PRO A 112 -14.36 -10.19 23.44
C PRO A 112 -14.56 -10.49 24.91
N THR A 113 -14.44 -9.45 25.72
CA THR A 113 -14.59 -9.53 27.17
C THR A 113 -15.84 -8.77 27.58
N ALA A 114 -16.81 -9.48 28.18
CA ALA A 114 -18.03 -8.85 28.67
C ALA A 114 -17.72 -7.66 29.57
N GLY A 115 -18.42 -6.55 29.32
CA GLY A 115 -18.25 -5.34 30.10
C GLY A 115 -17.23 -4.36 29.57
N ASN A 116 -16.35 -4.78 28.66
CA ASN A 116 -15.35 -3.86 28.15
C ASN A 116 -15.95 -2.83 27.20
N SER A 117 -15.40 -1.62 27.24
CA SER A 117 -15.92 -0.52 26.44
C SER A 117 -15.20 -0.48 25.10
N CYS A 118 -15.98 -0.46 24.02
CA CYS A 118 -15.44 -0.46 22.67
C CYS A 118 -16.02 0.71 21.90
N LEU A 119 -15.49 0.94 20.71
CA LEU A 119 -15.95 2.03 19.84
C LEU A 119 -16.45 1.47 18.52
N VAL A 120 -17.60 1.93 18.05
CA VAL A 120 -18.10 1.60 16.73
C VAL A 120 -18.29 2.89 15.94
N SER A 121 -18.02 2.85 14.64
CA SER A 121 -18.07 4.06 13.83
C SER A 121 -18.77 3.77 12.51
N GLY A 122 -19.46 4.77 11.96
CA GLY A 122 -20.11 4.56 10.68
C GLY A 122 -20.93 5.75 10.23
N TRP A 123 -21.45 5.62 9.00
CA TRP A 123 -22.28 6.63 8.35
C TRP A 123 -23.75 6.21 8.29
N GLY A 124 -24.15 5.25 9.09
CA GLY A 124 -25.53 4.81 9.12
C GLY A 124 -26.45 5.80 9.81
N LEU A 125 -27.70 5.42 9.93
CA LEU A 125 -28.74 6.35 10.37
C LEU A 125 -28.53 6.77 11.83
N LEU A 126 -28.93 8.01 12.11
CA LEU A 126 -28.92 8.61 13.44
C LEU A 126 -30.21 8.29 14.21
N ALA A 127 -30.24 8.74 15.46
CA ALA A 127 -31.43 8.52 16.29
C ALA A 127 -32.67 9.14 15.65
N ASN A 128 -32.51 10.24 14.91
CA ASN A 128 -33.65 10.90 14.29
C ASN A 128 -34.00 10.31 12.93
N GLY A 129 -33.36 9.21 12.53
CA GLY A 129 -33.65 8.55 11.27
C GLY A 129 -32.96 9.16 10.07
N ARG A 130 -32.19 10.24 10.25
CA ARG A 130 -31.51 10.89 9.14
C ARG A 130 -30.09 10.36 8.99
N MET A 131 -29.48 10.68 7.84
CA MET A 131 -28.10 10.27 7.61
C MET A 131 -27.15 11.37 8.05
N PRO A 132 -26.04 11.02 8.69
CA PRO A 132 -25.08 12.06 9.10
C PRO A 132 -24.31 12.57 7.89
N THR A 133 -23.74 13.76 8.06
CA THR A 133 -22.85 14.29 7.04
C THR A 133 -21.41 13.81 7.22
N VAL A 134 -20.99 13.49 8.45
CA VAL A 134 -19.64 13.01 8.68
C VAL A 134 -19.70 11.74 9.52
N LEU A 135 -18.60 10.99 9.48
CA LEU A 135 -18.46 9.73 10.22
C LEU A 135 -18.78 9.92 11.70
N GLN A 136 -19.64 9.03 12.23
CA GLN A 136 -20.07 9.04 13.62
C GLN A 136 -19.35 7.97 14.43
N CYS A 137 -19.16 8.27 15.70
CA CYS A 137 -18.46 7.42 16.67
C CYS A 137 -19.31 7.31 17.92
N VAL A 138 -19.36 6.12 18.50
CA VAL A 138 -20.04 5.94 19.78
C VAL A 138 -19.38 4.78 20.51
N ASN A 139 -19.42 4.83 21.84
CA ASN A 139 -18.91 3.75 22.67
C ASN A 139 -20.05 2.82 23.05
N VAL A 140 -19.78 1.52 22.97
CA VAL A 140 -20.72 0.49 23.38
C VAL A 140 -19.96 -0.54 24.21
N SER A 141 -20.67 -1.20 25.12
CA SER A 141 -20.06 -2.20 25.99
C SER A 141 -20.35 -3.59 25.48
N VAL A 142 -19.33 -4.45 25.51
CA VAL A 142 -19.52 -5.85 25.15
C VAL A 142 -20.46 -6.51 26.15
N VAL A 143 -21.40 -7.30 25.64
CA VAL A 143 -22.35 -8.04 26.46
C VAL A 143 -21.89 -9.49 26.57
N SER A 144 -22.28 -10.16 27.66
CA SER A 144 -21.86 -11.54 27.89
C SER A 144 -22.44 -12.49 26.84
N GLU A 145 -21.73 -13.60 26.62
CA GLU A 145 -22.19 -14.61 25.67
C GLU A 145 -23.55 -15.20 26.08
N GLU A 146 -23.78 -15.37 27.38
CA GLU A 146 -25.07 -15.93 27.80
C GLU A 146 -26.21 -15.00 27.46
N VAL A 147 -26.01 -13.69 27.63
CA VAL A 147 -27.06 -12.73 27.27
C VAL A 147 -27.24 -12.71 25.74
N CYS A 148 -26.13 -12.64 25.00
CA CYS A 148 -26.22 -12.64 23.55
C CYS A 148 -26.92 -13.90 23.04
N SER A 149 -26.54 -15.05 23.58
CA SER A 149 -27.06 -16.31 23.06
C SER A 149 -28.56 -16.46 23.32
N LYS A 150 -29.04 -15.95 24.46
CA LYS A 150 -30.46 -16.07 24.75
C LYS A 150 -31.28 -15.03 24.01
N LEU A 151 -30.78 -13.80 23.92
CA LEU A 151 -31.52 -12.73 23.23
C LEU A 151 -31.67 -13.02 21.75
N TYR A 152 -30.66 -13.62 21.13
CA TYR A 152 -30.69 -13.88 19.70
C TYR A 152 -30.91 -15.35 19.37
N ASP A 153 -31.32 -16.15 20.35
CA ASP A 153 -31.79 -17.49 20.06
C ASP A 153 -32.96 -17.45 19.08
N PRO A 154 -32.99 -18.33 18.07
CA PRO A 154 -32.08 -19.45 17.79
C PRO A 154 -31.09 -19.16 16.67
N LEU A 155 -30.84 -17.89 16.36
CA LEU A 155 -29.87 -17.59 15.33
C LEU A 155 -28.48 -17.32 15.89
N TYR A 156 -28.35 -17.15 17.21
CA TYR A 156 -27.02 -16.95 17.77
C TYR A 156 -26.12 -18.10 17.38
N HIS A 157 -24.90 -17.77 16.96
CA HIS A 157 -23.87 -18.67 16.46
C HIS A 157 -22.55 -18.15 16.99
N PRO A 158 -21.59 -19.03 17.30
CA PRO A 158 -20.33 -18.54 17.91
C PRO A 158 -19.55 -17.60 17.01
N SER A 159 -19.89 -17.50 15.72
CA SER A 159 -19.35 -16.45 14.85
C SER A 159 -19.89 -15.05 15.19
N MET A 160 -20.71 -14.91 16.24
CA MET A 160 -21.33 -13.66 16.61
C MET A 160 -20.96 -13.28 18.04
N PHE A 161 -20.96 -11.97 18.33
CA PHE A 161 -21.02 -11.50 19.71
C PHE A 161 -21.86 -10.22 19.77
N CYS A 162 -22.23 -9.83 20.98
CA CYS A 162 -23.17 -8.72 21.16
C CYS A 162 -22.48 -7.56 21.86
N ALA A 163 -22.89 -6.34 21.49
CA ALA A 163 -22.39 -5.14 22.15
C ALA A 163 -23.46 -4.06 22.08
N GLY A 164 -23.54 -3.24 23.13
CA GLY A 164 -24.54 -2.20 23.22
C GLY A 164 -25.71 -2.63 24.07
N GLY A 165 -26.91 -2.16 23.73
CA GLY A 165 -28.10 -2.57 24.46
C GLY A 165 -28.34 -1.82 25.76
N GLY A 166 -27.55 -0.80 26.06
CA GLY A 166 -27.72 -0.10 27.32
C GLY A 166 -28.90 0.84 27.30
N GLN A 167 -29.28 1.28 28.50
CA GLN A 167 -30.27 2.35 28.64
C GLN A 167 -29.84 3.61 27.90
N ASP A 168 -28.55 3.78 27.64
CA ASP A 168 -28.11 4.98 26.92
C ASP A 168 -28.46 4.94 25.44
N GLN A 169 -28.98 3.80 24.95
CA GLN A 169 -29.43 3.65 23.58
C GLN A 169 -28.33 4.01 22.57
N LYS A 170 -27.09 3.72 22.96
CA LYS A 170 -25.93 3.87 22.07
C LYS A 170 -25.74 2.56 21.33
N ASP A 171 -25.81 2.61 20.00
CA ASP A 171 -25.89 1.38 19.20
C ASP A 171 -25.52 1.69 17.76
N SER A 172 -25.30 0.62 16.99
CA SER A 172 -25.20 0.76 15.54
C SER A 172 -26.59 0.73 14.92
N CYS A 173 -26.69 1.12 13.65
CA CYS A 173 -27.99 1.16 12.98
C CYS A 173 -27.80 0.86 11.51
N ASN A 174 -28.89 1.01 10.73
CA ASN A 174 -28.87 0.71 9.30
C ASN A 174 -27.87 1.59 8.57
N GLY A 175 -27.05 0.97 7.73
CA GLY A 175 -25.99 1.66 7.05
C GLY A 175 -24.64 1.55 7.72
N ASP A 176 -24.61 1.09 8.98
CA ASP A 176 -23.36 0.87 9.69
C ASP A 176 -22.75 -0.52 9.43
N SER A 177 -23.48 -1.41 8.74
CA SER A 177 -23.03 -2.77 8.49
C SER A 177 -21.63 -2.80 7.89
N GLY A 178 -20.83 -3.76 8.35
CA GLY A 178 -19.49 -3.97 7.83
C GLY A 178 -18.42 -3.08 8.44
N GLY A 179 -18.79 -2.05 9.20
CA GLY A 179 -17.83 -1.18 9.83
C GLY A 179 -17.27 -1.77 11.12
N PRO A 180 -16.31 -1.04 11.70
CA PRO A 180 -15.50 -1.59 12.79
C PRO A 180 -16.12 -1.45 14.17
N LEU A 181 -15.84 -2.46 14.99
CA LEU A 181 -15.93 -2.36 16.45
C LEU A 181 -14.50 -2.52 16.98
N ILE A 182 -13.98 -1.46 17.60
CA ILE A 182 -12.61 -1.42 18.11
C ILE A 182 -12.64 -1.63 19.61
N CYS A 183 -11.86 -2.59 20.11
CA CYS A 183 -11.73 -2.81 21.55
C CYS A 183 -10.26 -2.83 21.90
N ASN A 184 -9.86 -1.97 22.84
CA ASN A 184 -8.47 -1.84 23.27
C ASN A 184 -7.53 -1.64 22.08
N GLY A 185 -8.00 -0.89 21.08
CA GLY A 185 -7.17 -0.55 19.94
C GLY A 185 -7.06 -1.60 18.86
N TYR A 186 -7.74 -2.74 19.00
CA TYR A 186 -7.74 -3.78 17.98
C TYR A 186 -9.14 -3.89 17.35
N LEU A 187 -9.17 -4.37 16.11
CA LEU A 187 -10.44 -4.64 15.45
C LEU A 187 -11.03 -5.91 16.05
N GLN A 188 -12.12 -5.77 16.81
CA GLN A 188 -12.75 -6.88 17.49
C GLN A 188 -13.90 -7.47 16.69
N GLY A 189 -14.67 -6.62 16.01
CA GLY A 189 -15.87 -7.07 15.33
C GLY A 189 -16.18 -6.22 14.13
N LEU A 190 -17.17 -6.70 13.36
CA LEU A 190 -17.79 -5.96 12.27
C LEU A 190 -19.26 -5.81 12.61
N VAL A 191 -19.84 -4.64 12.32
CA VAL A 191 -21.29 -4.49 12.45
C VAL A 191 -21.97 -5.52 11.55
N SER A 192 -22.81 -6.38 12.14
CA SER A 192 -23.49 -7.42 11.36
C SER A 192 -25.00 -7.21 11.31
N PHE A 193 -25.72 -7.32 12.43
CA PHE A 193 -27.16 -7.08 12.39
C PHE A 193 -27.67 -6.83 13.81
N GLY A 194 -28.93 -6.41 13.89
CA GLY A 194 -29.57 -6.26 15.18
C GLY A 194 -31.07 -6.21 14.98
N LYS A 195 -31.81 -6.38 16.07
CA LYS A 195 -33.26 -6.28 15.97
C LYS A 195 -33.68 -4.84 15.72
N ALA A 196 -34.80 -4.67 14.94
CA ALA A 196 -35.33 -3.34 14.69
C ALA A 196 -36.38 -2.98 15.73
N PRO A 197 -36.53 -1.69 16.08
CA PRO A 197 -35.77 -0.52 15.59
C PRO A 197 -34.39 -0.40 16.22
N CYS A 198 -33.56 0.49 15.68
CA CYS A 198 -32.23 0.71 16.26
C CYS A 198 -32.36 1.39 17.62
N GLY A 199 -31.38 1.11 18.48
CA GLY A 199 -31.27 1.85 19.73
C GLY A 199 -32.32 1.49 20.76
N GLN A 200 -32.61 0.20 20.91
CA GLN A 200 -33.57 -0.26 21.91
C GLN A 200 -32.88 -0.56 23.23
N VAL A 201 -33.49 -0.13 24.33
CA VAL A 201 -32.99 -0.52 25.65
C VAL A 201 -33.09 -2.03 25.79
N GLY A 202 -31.99 -2.66 26.19
CA GLY A 202 -31.96 -4.09 26.41
C GLY A 202 -31.71 -4.94 25.18
N VAL A 203 -31.52 -4.33 24.02
CA VAL A 203 -31.26 -5.05 22.78
C VAL A 203 -29.90 -4.63 22.24
N PRO A 204 -28.86 -5.43 22.48
CA PRO A 204 -27.56 -5.14 21.88
C PRO A 204 -27.57 -5.49 20.41
N GLY A 205 -26.56 -4.97 19.70
CA GLY A 205 -26.36 -5.35 18.31
C GLY A 205 -25.43 -6.54 18.19
N VAL A 206 -25.48 -7.20 17.05
CA VAL A 206 -24.65 -8.39 16.79
C VAL A 206 -23.49 -8.00 15.90
N TYR A 207 -22.31 -8.48 16.26
CA TYR A 207 -21.05 -8.16 15.59
C TYR A 207 -20.39 -9.45 15.18
N THR A 208 -19.74 -9.44 14.01
CA THR A 208 -18.98 -10.60 13.59
C THR A 208 -17.80 -10.83 14.52
N ASN A 209 -17.66 -12.06 15.01
CA ASN A 209 -16.71 -12.40 16.08
C ASN A 209 -15.36 -12.74 15.45
N LEU A 210 -14.59 -11.68 15.16
CA LEU A 210 -13.40 -11.82 14.32
C LEU A 210 -12.29 -12.64 14.98
N CYS A 211 -12.26 -12.74 16.31
CA CYS A 211 -11.25 -13.60 16.94
C CYS A 211 -11.35 -15.05 16.47
N LYS A 212 -12.51 -15.47 15.96
CA LYS A 212 -12.67 -16.83 15.47
C LYS A 212 -12.07 -17.05 14.08
N PHE A 213 -11.72 -15.98 13.35
CA PHE A 213 -11.46 -16.08 11.92
C PHE A 213 -10.06 -15.63 11.53
N THR A 214 -9.13 -15.54 12.49
CA THR A 214 -7.82 -14.99 12.12
C THR A 214 -7.10 -15.89 11.12
N GLU A 215 -7.25 -17.21 11.23
CA GLU A 215 -6.56 -18.07 10.27
C GLU A 215 -7.12 -17.90 8.86
N TRP A 216 -8.44 -17.87 8.72
CA TRP A 216 -9.04 -17.71 7.39
C TRP A 216 -8.69 -16.35 6.79
N ILE A 217 -8.71 -15.30 7.61
CA ILE A 217 -8.34 -13.96 7.13
C ILE A 217 -6.89 -13.94 6.68
N GLU A 218 -5.99 -14.48 7.49
CA GLU A 218 -4.56 -14.45 7.13
C GLU A 218 -4.29 -15.29 5.89
N LYS A 219 -4.87 -16.49 5.82
CA LYS A 219 -4.63 -17.36 4.67
C LYS A 219 -5.16 -16.72 3.38
N THR A 220 -6.29 -16.02 3.47
CA THR A 220 -6.89 -15.41 2.29
C THR A 220 -6.02 -14.25 1.80
N VAL A 221 -5.58 -13.38 2.71
CA VAL A 221 -4.74 -12.25 2.31
C VAL A 221 -3.40 -12.74 1.78
N GLN A 222 -2.86 -13.81 2.37
CA GLN A 222 -1.56 -14.32 1.95
C GLN A 222 -1.62 -15.04 0.60
N ALA A 223 -2.74 -15.69 0.30
CA ALA A 223 -2.87 -16.45 -0.93
C ALA A 223 -3.04 -15.54 -2.13
N ILE B 1 -18.86 -10.06 -32.95
CA ILE B 1 -19.68 -11.01 -32.20
C ILE B 1 -20.88 -11.42 -33.05
N ILE B 2 -21.04 -12.74 -33.26
CA ILE B 2 -22.12 -13.29 -34.07
C ILE B 2 -23.26 -13.68 -33.14
N ASN B 3 -24.48 -13.21 -33.46
CA ASN B 3 -25.70 -13.63 -32.76
C ASN B 3 -25.68 -13.28 -31.28
N GLY B 4 -25.01 -12.19 -30.93
CA GLY B 4 -25.08 -11.61 -29.61
C GLY B 4 -26.11 -10.51 -29.53
N GLU B 5 -25.97 -9.70 -28.48
CA GLU B 5 -26.81 -8.53 -28.23
C GLU B 5 -25.92 -7.37 -27.79
N ASP B 6 -26.46 -6.16 -27.79
CA ASP B 6 -25.79 -5.06 -27.10
C ASP B 6 -25.51 -5.48 -25.67
N CYS B 7 -24.26 -5.33 -25.24
CA CYS B 7 -23.99 -5.41 -23.81
C CYS B 7 -24.79 -4.36 -23.08
N SER B 8 -25.18 -4.66 -21.85
CA SER B 8 -25.67 -3.60 -20.99
C SER B 8 -24.57 -2.55 -20.87
N PRO B 9 -24.88 -1.26 -20.99
CA PRO B 9 -23.82 -0.26 -21.08
C PRO B 9 -22.91 -0.30 -19.87
N HIS B 10 -21.60 -0.38 -20.15
CA HIS B 10 -20.54 -0.38 -19.15
C HIS B 10 -20.57 -1.61 -18.24
N SER B 11 -21.21 -2.68 -18.68
CA SER B 11 -21.24 -3.92 -17.90
C SER B 11 -19.96 -4.74 -18.01
N GLN B 12 -19.08 -4.38 -18.94
CA GLN B 12 -17.79 -5.07 -19.13
C GLN B 12 -16.69 -3.99 -19.00
N PRO B 13 -16.50 -3.44 -17.80
CA PRO B 13 -15.68 -2.22 -17.67
C PRO B 13 -14.19 -2.43 -17.82
N TRP B 14 -13.73 -3.68 -17.95
CA TRP B 14 -12.36 -4.02 -18.31
C TRP B 14 -12.11 -3.97 -19.81
N GLN B 15 -13.15 -3.81 -20.63
CA GLN B 15 -12.96 -3.89 -22.08
C GLN B 15 -12.13 -2.70 -22.55
N ALA B 16 -11.08 -2.97 -23.33
CA ALA B 16 -10.23 -1.95 -23.91
C ALA B 16 -10.35 -1.99 -25.42
N ALA B 17 -10.48 -0.82 -26.04
CA ALA B 17 -10.50 -0.69 -27.50
C ALA B 17 -9.12 -0.28 -28.00
N LEU B 18 -8.54 -1.07 -28.89
CA LEU B 18 -7.26 -0.72 -29.51
C LEU B 18 -7.56 -0.11 -30.88
N VAL B 19 -7.27 1.18 -31.03
CA VAL B 19 -7.64 1.94 -32.20
C VAL B 19 -6.40 2.53 -32.84
N MET B 20 -6.37 2.54 -34.17
CA MET B 20 -5.30 3.17 -34.93
C MET B 20 -5.93 3.76 -36.18
N GLU B 21 -5.56 5.00 -36.52
CA GLU B 21 -6.11 5.69 -37.69
C GLU B 21 -7.63 5.70 -37.65
N ASN B 22 -8.18 5.95 -36.46
CA ASN B 22 -9.62 6.12 -36.22
C ASN B 22 -10.42 4.84 -36.45
N GLU B 23 -9.78 3.67 -36.48
CA GLU B 23 -10.52 2.43 -36.62
C GLU B 23 -10.04 1.43 -35.58
N LEU B 24 -10.99 0.71 -35.00
CA LEU B 24 -10.64 -0.36 -34.08
C LEU B 24 -10.02 -1.52 -34.85
N PHE B 25 -8.91 -2.04 -34.33
CA PHE B 25 -8.32 -3.24 -34.91
C PHE B 25 -8.25 -4.42 -33.95
N CYS B 26 -8.46 -4.19 -32.66
CA CYS B 26 -8.42 -5.25 -31.66
C CYS B 26 -9.09 -4.72 -30.40
N SER B 27 -9.41 -5.63 -29.49
CA SER B 27 -9.67 -5.27 -28.12
C SER B 27 -8.52 -5.76 -27.23
N GLY B 28 -8.61 -5.36 -25.96
CA GLY B 28 -7.73 -5.82 -24.91
C GLY B 28 -8.56 -5.85 -23.63
N VAL B 29 -7.89 -6.20 -22.53
CA VAL B 29 -8.57 -6.35 -21.25
C VAL B 29 -7.72 -5.66 -20.18
N LEU B 30 -8.32 -4.71 -19.45
CA LEU B 30 -7.62 -4.08 -18.33
C LEU B 30 -7.49 -5.10 -17.20
N VAL B 31 -6.27 -5.52 -16.88
CA VAL B 31 -6.05 -6.50 -15.81
C VAL B 31 -5.37 -5.91 -14.59
N HIS B 32 -4.78 -4.72 -14.70
CA HIS B 32 -4.32 -3.91 -13.58
C HIS B 32 -4.44 -2.46 -14.00
N PRO B 33 -4.45 -1.52 -13.06
CA PRO B 33 -4.62 -0.11 -13.48
C PRO B 33 -3.62 0.36 -14.54
N GLN B 34 -2.43 -0.25 -14.62
CA GLN B 34 -1.44 0.18 -15.62
C GLN B 34 -1.17 -0.88 -16.69
N TRP B 35 -1.99 -1.94 -16.78
CA TRP B 35 -1.66 -3.07 -17.64
C TRP B 35 -2.88 -3.52 -18.42
N VAL B 36 -2.75 -3.58 -19.75
CA VAL B 36 -3.79 -4.12 -20.61
C VAL B 36 -3.25 -5.41 -21.22
N LEU B 37 -4.05 -6.47 -21.12
CA LEU B 37 -3.73 -7.77 -21.69
C LEU B 37 -4.43 -7.89 -23.03
N SER B 38 -3.73 -8.37 -24.05
CA SER B 38 -4.34 -8.55 -25.36
C SER B 38 -3.65 -9.71 -26.07
N ALA B 39 -4.13 -10.03 -27.27
CA ALA B 39 -3.46 -11.05 -28.06
C ALA B 39 -2.13 -10.51 -28.57
N ALA B 40 -1.11 -11.38 -28.63
CA ALA B 40 0.17 -10.95 -29.20
C ALA B 40 0.01 -10.55 -30.66
N HIS B 41 -0.98 -11.12 -31.37
CA HIS B 41 -1.12 -10.72 -32.78
C HIS B 41 -1.72 -9.34 -32.94
N CYS B 42 -2.14 -8.70 -31.85
CA CYS B 42 -2.58 -7.31 -31.86
C CYS B 42 -1.44 -6.32 -31.62
N PHE B 43 -0.20 -6.79 -31.62
CA PHE B 43 0.95 -5.93 -31.34
C PHE B 43 1.01 -4.75 -32.28
N GLN B 44 1.34 -3.58 -31.71
CA GLN B 44 1.76 -2.40 -32.47
C GLN B 44 2.93 -1.73 -31.77
N ASN B 45 3.65 -0.88 -32.51
CA ASN B 45 4.77 -0.15 -31.92
C ASN B 45 4.33 0.81 -30.83
N SER B 46 3.12 1.35 -30.94
CA SER B 46 2.53 2.11 -29.84
C SER B 46 1.02 2.01 -29.95
N TYR B 47 0.32 2.49 -28.91
CA TYR B 47 -1.12 2.33 -28.83
C TYR B 47 -1.81 3.58 -28.35
N THR B 48 -3.04 3.75 -28.83
CA THR B 48 -4.03 4.66 -28.26
C THR B 48 -5.23 3.80 -27.91
N ILE B 49 -5.56 3.75 -26.62
CA ILE B 49 -6.49 2.75 -26.09
C ILE B 49 -7.69 3.46 -25.48
N GLY B 50 -8.89 3.00 -25.85
CA GLY B 50 -10.12 3.56 -25.34
C GLY B 50 -10.68 2.71 -24.22
N LEU B 51 -10.91 3.35 -23.06
CA LEU B 51 -11.43 2.67 -21.88
C LEU B 51 -12.75 3.31 -21.46
N GLY B 52 -13.65 2.49 -20.91
CA GLY B 52 -14.96 2.98 -20.49
C GLY B 52 -15.95 3.20 -21.62
N LEU B 53 -15.73 2.58 -22.78
CA LEU B 53 -16.55 2.82 -23.94
C LEU B 53 -17.77 1.89 -23.97
N HIS B 54 -18.71 2.24 -24.84
CA HIS B 54 -19.82 1.38 -25.19
C HIS B 54 -20.00 1.50 -26.70
N SER B 55 -20.49 2.64 -27.17
CA SER B 55 -20.09 3.05 -28.51
C SER B 55 -18.60 3.38 -28.52
N LEU B 56 -18.03 3.45 -29.71
CA LEU B 56 -16.63 3.81 -29.82
C LEU B 56 -16.38 5.32 -29.83
N GLU B 57 -17.43 6.14 -29.67
CA GLU B 57 -17.31 7.59 -29.63
C GLU B 57 -17.11 8.04 -28.18
N ALA B 58 -15.84 8.29 -27.82
CA ALA B 58 -15.50 8.58 -26.43
C ALA B 58 -16.27 9.78 -25.88
N ASP B 59 -16.47 10.82 -26.69
CA ASP B 59 -17.16 12.00 -26.14
C ASP B 59 -18.68 11.80 -26.03
N GLN B 60 -19.18 10.61 -26.38
CA GLN B 60 -20.55 10.20 -26.10
C GLN B 60 -20.64 9.25 -24.91
N GLU B 61 -19.51 8.96 -24.27
CA GLU B 61 -19.44 7.94 -23.21
C GLU B 61 -18.95 8.61 -21.93
N PRO B 62 -19.85 9.03 -21.04
CA PRO B 62 -19.43 9.65 -19.78
C PRO B 62 -18.44 8.76 -19.04
N GLY B 63 -17.37 9.37 -18.54
CA GLY B 63 -16.34 8.66 -17.81
C GLY B 63 -15.30 7.97 -18.67
N SER B 64 -15.41 8.04 -19.99
CA SER B 64 -14.46 7.34 -20.83
C SER B 64 -13.07 7.99 -20.72
N GLN B 65 -12.06 7.20 -21.06
CA GLN B 65 -10.69 7.69 -21.11
C GLN B 65 -9.99 7.15 -22.36
N MET B 66 -9.19 8.00 -22.99
CA MET B 66 -8.29 7.56 -24.05
C MET B 66 -6.87 7.66 -23.49
N VAL B 67 -6.14 6.55 -23.48
CA VAL B 67 -4.85 6.48 -22.84
C VAL B 67 -3.79 6.06 -23.84
N GLU B 68 -2.56 6.48 -23.60
N GLU B 68 -2.56 6.49 -23.62
CA GLU B 68 -1.44 6.18 -24.49
CA GLU B 68 -1.44 6.19 -24.51
C GLU B 68 -0.52 5.14 -23.86
C GLU B 68 -0.50 5.18 -23.87
N ALA B 69 0.14 4.37 -24.73
CA ALA B 69 1.09 3.36 -24.29
C ALA B 69 2.04 3.06 -25.45
N SER B 70 3.27 2.67 -25.11
CA SER B 70 4.20 2.20 -26.14
C SER B 70 4.93 0.91 -25.80
N LEU B 71 4.98 0.51 -24.53
CA LEU B 71 5.67 -0.72 -24.16
C LEU B 71 4.71 -1.90 -24.26
N SER B 72 5.07 -2.89 -25.09
CA SER B 72 4.43 -4.20 -25.16
C SER B 72 5.44 -5.27 -24.80
N VAL B 73 4.95 -6.34 -24.18
CA VAL B 73 5.73 -7.55 -23.94
C VAL B 73 4.93 -8.71 -24.50
N ARG B 74 5.28 -9.18 -25.69
CA ARG B 74 4.68 -10.40 -26.23
C ARG B 74 5.25 -11.63 -25.55
N HIS B 75 4.43 -12.67 -25.41
CA HIS B 75 4.95 -13.92 -24.87
C HIS B 75 6.11 -14.37 -25.75
N PRO B 76 7.23 -14.78 -25.17
CA PRO B 76 8.41 -15.08 -25.99
C PRO B 76 8.23 -16.27 -26.93
N GLU B 77 7.22 -17.11 -26.72
CA GLU B 77 6.95 -18.25 -27.59
C GLU B 77 5.73 -18.02 -28.47
N TYR B 78 5.27 -16.76 -28.61
CA TYR B 78 4.20 -16.47 -29.55
C TYR B 78 4.55 -16.99 -30.93
N ASN B 79 3.60 -17.70 -31.55
CA ASN B 79 3.67 -18.26 -32.90
C ASN B 79 4.65 -19.42 -33.01
N ARG B 80 5.15 -19.94 -31.89
CA ARG B 80 5.93 -21.18 -31.86
C ARG B 80 5.22 -22.19 -30.97
N PRO B 81 4.43 -23.12 -31.53
CA PRO B 81 4.17 -23.29 -32.96
C PRO B 81 3.11 -22.34 -33.51
N LEU B 82 2.80 -22.47 -34.81
CA LEU B 82 1.95 -21.53 -35.53
C LEU B 82 0.69 -21.19 -34.75
N LEU B 83 0.49 -19.89 -34.51
CA LEU B 83 -0.66 -19.27 -33.85
C LEU B 83 -0.67 -19.43 -32.32
N ALA B 84 0.25 -20.19 -31.72
CA ALA B 84 0.21 -20.51 -30.30
C ALA B 84 0.72 -19.35 -29.44
N ASN B 85 0.42 -19.45 -28.14
CA ASN B 85 0.97 -18.55 -27.13
C ASN B 85 0.64 -17.09 -27.46
N ASP B 86 -0.64 -16.85 -27.77
CA ASP B 86 -1.08 -15.59 -28.35
C ASP B 86 -1.53 -14.62 -27.25
N LEU B 87 -0.55 -14.04 -26.56
CA LEU B 87 -0.86 -13.07 -25.52
C LEU B 87 0.30 -12.10 -25.36
N MET B 88 -0.03 -10.90 -24.89
CA MET B 88 0.96 -9.86 -24.67
C MET B 88 0.42 -8.89 -23.63
N LEU B 89 1.32 -8.24 -22.92
CA LEU B 89 0.99 -7.24 -21.92
C LEU B 89 1.40 -5.86 -22.43
N ILE B 90 0.47 -4.91 -22.37
CA ILE B 90 0.74 -3.52 -22.74
C ILE B 90 0.83 -2.71 -21.45
N LYS B 91 1.94 -2.03 -21.24
CA LYS B 91 2.08 -1.17 -20.06
C LYS B 91 1.67 0.24 -20.43
N LEU B 92 0.62 0.74 -19.77
CA LEU B 92 0.18 2.11 -20.03
C LEU B 92 1.23 3.11 -19.55
N ASP B 93 1.25 4.29 -20.19
CA ASP B 93 2.22 5.31 -19.81
C ASP B 93 2.06 5.72 -18.33
N GLU B 94 0.85 5.60 -17.80
CA GLU B 94 0.57 5.85 -16.38
C GLU B 94 -0.62 4.98 -16.01
N SER B 95 -0.77 4.73 -14.71
CA SER B 95 -1.96 4.02 -14.23
C SER B 95 -3.21 4.84 -14.51
N VAL B 96 -4.25 4.18 -14.99
CA VAL B 96 -5.51 4.87 -15.23
C VAL B 96 -6.24 5.04 -13.90
N SER B 97 -6.92 6.18 -13.73
CA SER B 97 -7.81 6.34 -12.59
C SER B 97 -9.07 5.54 -12.84
N GLU B 98 -9.29 4.50 -12.02
CA GLU B 98 -10.39 3.60 -12.25
C GLU B 98 -11.70 4.18 -11.71
N SER B 99 -12.80 3.59 -12.14
CA SER B 99 -14.14 4.04 -11.82
C SER B 99 -15.09 2.87 -11.98
N ASP B 100 -16.38 3.11 -11.75
CA ASP B 100 -17.31 2.01 -11.97
C ASP B 100 -17.49 1.68 -13.45
N THR B 101 -16.96 2.49 -14.37
CA THR B 101 -17.01 2.15 -15.78
C THR B 101 -15.65 1.77 -16.36
N ILE B 102 -14.57 1.90 -15.58
CA ILE B 102 -13.22 1.51 -16.01
C ILE B 102 -12.56 0.79 -14.84
N ARG B 103 -12.42 -0.54 -14.93
CA ARG B 103 -11.76 -1.22 -13.83
C ARG B 103 -11.20 -2.56 -14.32
N SER B 104 -10.29 -3.12 -13.51
CA SER B 104 -9.58 -4.34 -13.86
C SER B 104 -10.41 -5.57 -13.55
N ILE B 105 -10.03 -6.70 -14.17
CA ILE B 105 -10.68 -7.98 -13.89
C ILE B 105 -9.60 -9.00 -13.54
N SER B 106 -9.93 -9.87 -12.58
CA SER B 106 -9.04 -10.94 -12.16
C SER B 106 -8.90 -12.00 -13.25
N ILE B 107 -7.69 -12.52 -13.39
CA ILE B 107 -7.38 -13.57 -14.37
C ILE B 107 -7.56 -14.93 -13.73
N ALA B 108 -8.20 -15.86 -14.46
CA ALA B 108 -8.40 -17.21 -13.96
C ALA B 108 -7.08 -17.93 -13.76
N SER B 109 -6.93 -18.60 -12.62
CA SER B 109 -5.81 -19.50 -12.40
C SER B 109 -6.16 -20.95 -12.70
N GLN B 110 -7.44 -21.32 -12.58
CA GLN B 110 -7.93 -22.64 -12.91
C GLN B 110 -8.30 -22.70 -14.39
N CYS B 111 -8.02 -23.83 -15.02
CA CYS B 111 -8.23 -23.98 -16.45
C CYS B 111 -9.71 -24.22 -16.77
N PRO B 112 -10.11 -24.04 -18.04
CA PRO B 112 -11.54 -24.04 -18.37
C PRO B 112 -12.18 -25.40 -18.14
N THR B 113 -13.47 -25.35 -17.84
CA THR B 113 -14.28 -26.54 -17.62
C THR B 113 -15.20 -26.73 -18.83
N ALA B 114 -15.10 -27.88 -19.48
CA ALA B 114 -15.97 -28.20 -20.62
C ALA B 114 -17.44 -28.08 -20.22
N GLY B 115 -18.22 -27.43 -21.07
CA GLY B 115 -19.63 -27.25 -20.83
C GLY B 115 -20.01 -26.00 -20.06
N ASN B 116 -19.05 -25.33 -19.44
CA ASN B 116 -19.37 -24.11 -18.71
C ASN B 116 -19.74 -23.00 -19.67
N SER B 117 -20.73 -22.19 -19.27
CA SER B 117 -21.21 -21.09 -20.10
C SER B 117 -20.43 -19.84 -19.72
N CYS B 118 -19.82 -19.20 -20.71
CA CYS B 118 -18.97 -18.04 -20.55
C CYS B 118 -19.51 -16.91 -21.43
N LEU B 119 -18.93 -15.73 -21.28
CA LEU B 119 -19.33 -14.56 -22.06
C LEU B 119 -18.14 -14.03 -22.82
N VAL B 120 -18.35 -13.69 -24.08
CA VAL B 120 -17.35 -13.00 -24.90
C VAL B 120 -17.95 -11.69 -25.39
N SER B 121 -17.13 -10.64 -25.45
CA SER B 121 -17.61 -9.31 -25.83
C SER B 121 -16.64 -8.67 -26.82
N GLY B 122 -17.17 -7.83 -27.70
CA GLY B 122 -16.31 -7.15 -28.66
C GLY B 122 -17.10 -6.30 -29.63
N TRP B 123 -16.34 -5.53 -30.43
CA TRP B 123 -16.87 -4.68 -31.48
C TRP B 123 -16.61 -5.26 -32.88
N GLY B 124 -16.39 -6.57 -32.96
CA GLY B 124 -16.11 -7.21 -34.23
C GLY B 124 -17.38 -7.36 -35.06
N LEU B 125 -17.21 -8.02 -36.22
CA LEU B 125 -18.30 -8.11 -37.19
C LEU B 125 -19.47 -8.92 -36.64
N LEU B 126 -20.66 -8.55 -37.09
CA LEU B 126 -21.91 -9.21 -36.77
C LEU B 126 -22.20 -10.30 -37.79
N ALA B 127 -23.33 -10.99 -37.60
CA ALA B 127 -23.74 -12.03 -38.54
C ALA B 127 -23.92 -11.50 -39.96
N ASN B 128 -24.36 -10.25 -40.09
CA ASN B 128 -24.57 -9.66 -41.41
C ASN B 128 -23.29 -9.09 -42.01
N GLY B 129 -22.15 -9.33 -41.39
CA GLY B 129 -20.89 -8.78 -41.88
C GLY B 129 -20.67 -7.32 -41.60
N ARG B 130 -21.56 -6.66 -40.87
CA ARG B 130 -21.45 -5.24 -40.56
C ARG B 130 -20.83 -5.02 -39.19
N MET B 131 -20.38 -3.79 -38.97
CA MET B 131 -19.82 -3.43 -37.67
C MET B 131 -20.90 -2.91 -36.74
N PRO B 132 -20.93 -3.34 -35.49
CA PRO B 132 -21.94 -2.84 -34.55
C PRO B 132 -21.59 -1.42 -34.10
N THR B 133 -22.63 -0.73 -33.63
CA THR B 133 -22.43 0.61 -33.10
C THR B 133 -22.00 0.59 -31.64
N VAL B 134 -22.43 -0.42 -30.87
CA VAL B 134 -22.04 -0.52 -29.47
C VAL B 134 -21.48 -1.92 -29.20
N LEU B 135 -20.75 -2.02 -28.10
CA LEU B 135 -20.16 -3.29 -27.67
C LEU B 135 -21.21 -4.40 -27.58
N GLN B 136 -20.89 -5.54 -28.19
CA GLN B 136 -21.74 -6.72 -28.26
C GLN B 136 -21.29 -7.77 -27.26
N CYS B 137 -22.25 -8.51 -26.71
CA CYS B 137 -22.06 -9.54 -25.70
C CYS B 137 -22.77 -10.81 -26.16
N VAL B 138 -22.11 -11.97 -26.01
CA VAL B 138 -22.79 -13.22 -26.29
C VAL B 138 -22.27 -14.29 -25.35
N ASN B 139 -23.12 -15.27 -25.05
CA ASN B 139 -22.71 -16.40 -24.25
C ASN B 139 -22.27 -17.54 -25.15
N VAL B 140 -21.18 -18.21 -24.76
CA VAL B 140 -20.63 -19.35 -25.48
C VAL B 140 -20.18 -20.36 -24.44
N SER B 141 -20.26 -21.64 -24.79
CA SER B 141 -19.88 -22.71 -23.89
C SER B 141 -18.52 -23.28 -24.24
N VAL B 142 -17.74 -23.61 -23.21
CA VAL B 142 -16.44 -24.22 -23.41
C VAL B 142 -16.61 -25.60 -24.03
N VAL B 143 -15.76 -25.89 -25.01
CA VAL B 143 -15.73 -27.18 -25.69
C VAL B 143 -14.63 -28.03 -25.06
N SER B 144 -14.86 -29.34 -25.03
CA SER B 144 -13.89 -30.24 -24.40
C SER B 144 -12.56 -30.19 -25.13
N GLU B 145 -11.47 -30.40 -24.37
CA GLU B 145 -10.14 -30.43 -24.96
C GLU B 145 -10.03 -31.46 -26.07
N GLU B 146 -10.61 -32.65 -25.87
CA GLU B 146 -10.56 -33.69 -26.90
C GLU B 146 -11.14 -33.20 -28.21
N VAL B 147 -12.34 -32.60 -28.17
CA VAL B 147 -12.99 -32.13 -29.39
C VAL B 147 -12.24 -30.95 -29.97
N CYS B 148 -11.78 -30.04 -29.11
CA CYS B 148 -11.01 -28.89 -29.58
C CYS B 148 -9.77 -29.36 -30.34
N SER B 149 -9.05 -30.32 -29.77
CA SER B 149 -7.83 -30.84 -30.39
C SER B 149 -8.13 -31.50 -31.73
N LYS B 150 -9.22 -32.28 -31.80
CA LYS B 150 -9.55 -32.95 -33.06
C LYS B 150 -9.99 -31.95 -34.11
N LEU B 151 -10.72 -30.91 -33.71
CA LEU B 151 -11.21 -29.94 -34.69
C LEU B 151 -10.07 -29.09 -35.26
N TYR B 152 -9.09 -28.73 -34.44
CA TYR B 152 -8.08 -27.77 -34.89
C TYR B 152 -6.70 -28.38 -35.16
N ASP B 153 -6.55 -29.70 -34.98
CA ASP B 153 -5.40 -30.48 -35.44
C ASP B 153 -5.06 -30.02 -36.85
N PRO B 154 -3.81 -29.59 -37.14
CA PRO B 154 -2.57 -29.65 -36.34
C PRO B 154 -2.23 -28.37 -35.62
N LEU B 155 -3.14 -27.39 -35.63
CA LEU B 155 -2.85 -26.12 -34.97
C LEU B 155 -3.14 -26.13 -33.49
N TYR B 156 -3.93 -27.08 -32.99
CA TYR B 156 -4.25 -27.08 -31.58
C TYR B 156 -2.98 -27.24 -30.74
N HIS B 157 -2.89 -26.44 -29.67
CA HIS B 157 -1.75 -26.42 -28.78
C HIS B 157 -2.31 -26.11 -27.39
N PRO B 158 -1.69 -26.61 -26.31
CA PRO B 158 -2.29 -26.43 -24.98
C PRO B 158 -2.39 -24.97 -24.52
N SER B 159 -1.76 -24.03 -25.21
CA SER B 159 -1.97 -22.61 -24.95
C SER B 159 -3.31 -22.11 -25.50
N MET B 160 -4.14 -23.00 -26.02
CA MET B 160 -5.42 -22.68 -26.63
C MET B 160 -6.53 -23.46 -25.94
N PHE B 161 -7.75 -22.92 -26.00
CA PHE B 161 -8.93 -23.74 -25.77
C PHE B 161 -10.05 -23.23 -26.67
N CYS B 162 -11.11 -24.04 -26.77
CA CYS B 162 -12.22 -23.77 -27.68
C CYS B 162 -13.48 -23.36 -26.91
N ALA B 163 -14.24 -22.43 -27.47
CA ALA B 163 -15.56 -22.12 -26.92
C ALA B 163 -16.48 -21.70 -28.05
N GLY B 164 -17.77 -22.03 -27.91
CA GLY B 164 -18.72 -21.74 -28.95
C GLY B 164 -18.89 -22.94 -29.87
N GLY B 165 -19.14 -22.70 -31.15
CA GLY B 165 -19.37 -23.78 -32.08
C GLY B 165 -20.73 -24.42 -32.02
N GLY B 166 -21.66 -23.86 -31.27
CA GLY B 166 -22.94 -24.50 -31.09
C GLY B 166 -23.87 -24.29 -32.27
N GLN B 167 -24.96 -25.06 -32.24
CA GLN B 167 -26.04 -24.84 -33.20
C GLN B 167 -26.60 -23.43 -33.14
N ASP B 168 -26.43 -22.73 -32.01
CA ASP B 168 -26.96 -21.37 -31.91
C ASP B 168 -26.13 -20.37 -32.68
N GLN B 169 -25.00 -20.79 -33.27
CA GLN B 169 -24.12 -19.92 -34.04
C GLN B 169 -23.72 -18.68 -33.25
N LYS B 170 -23.55 -18.85 -31.94
CA LYS B 170 -23.03 -17.79 -31.10
C LYS B 170 -21.52 -17.95 -30.98
N ASP B 171 -20.78 -16.92 -31.42
CA ASP B 171 -19.34 -17.03 -31.60
C ASP B 171 -18.71 -15.64 -31.68
N SER B 172 -17.39 -15.61 -31.59
CA SER B 172 -16.63 -14.41 -31.89
C SER B 172 -16.40 -14.31 -33.39
N CYS B 173 -15.90 -13.15 -33.84
CA CYS B 173 -15.68 -12.94 -35.27
C CYS B 173 -14.55 -11.93 -35.46
N ASN B 174 -14.29 -11.59 -36.72
CA ASN B 174 -13.20 -10.70 -37.04
C ASN B 174 -13.39 -9.35 -36.36
N GLY B 175 -12.33 -8.84 -35.75
CA GLY B 175 -12.39 -7.63 -34.98
C GLY B 175 -12.60 -7.85 -33.50
N ASP B 176 -12.93 -9.07 -33.08
CA ASP B 176 -13.03 -9.39 -31.66
C ASP B 176 -11.71 -9.83 -31.04
N SER B 177 -10.66 -10.00 -31.86
CA SER B 177 -9.36 -10.45 -31.36
C SER B 177 -8.89 -9.60 -30.19
N GLY B 178 -8.30 -10.27 -29.20
CA GLY B 178 -7.73 -9.63 -28.03
C GLY B 178 -8.71 -9.40 -26.91
N GLY B 179 -10.02 -9.50 -27.18
CA GLY B 179 -11.03 -9.23 -26.18
C GLY B 179 -11.27 -10.41 -25.28
N PRO B 180 -12.10 -10.18 -24.27
CA PRO B 180 -12.24 -11.13 -23.15
C PRO B 180 -13.23 -12.26 -23.40
N LEU B 181 -12.88 -13.41 -22.83
CA LEU B 181 -13.83 -14.48 -22.53
C LEU B 181 -13.88 -14.60 -21.01
N ILE B 182 -15.05 -14.32 -20.42
CA ILE B 182 -15.24 -14.35 -18.97
C ILE B 182 -15.97 -15.64 -18.60
N CYS B 183 -15.42 -16.39 -17.63
CA CYS B 183 -16.09 -17.58 -17.11
C CYS B 183 -16.20 -17.47 -15.60
N ASN B 184 -17.43 -17.53 -15.09
CA ASN B 184 -17.66 -17.46 -13.64
C ASN B 184 -17.02 -16.21 -13.03
N GLY B 185 -17.03 -15.11 -13.80
CA GLY B 185 -16.55 -13.84 -13.31
C GLY B 185 -15.06 -13.61 -13.43
N TYR B 186 -14.30 -14.58 -13.92
CA TYR B 186 -12.87 -14.42 -14.14
C TYR B 186 -12.54 -14.33 -15.62
N LEU B 187 -11.44 -13.66 -15.94
CA LEU B 187 -10.94 -13.65 -17.31
C LEU B 187 -10.30 -15.00 -17.60
N GLN B 188 -10.95 -15.79 -18.45
CA GLN B 188 -10.52 -17.14 -18.79
C GLN B 188 -9.71 -17.20 -20.08
N GLY B 189 -10.06 -16.37 -21.06
CA GLY B 189 -9.40 -16.44 -22.35
C GLY B 189 -9.39 -15.09 -23.04
N LEU B 190 -8.62 -15.03 -24.12
CA LEU B 190 -8.63 -13.93 -25.07
C LEU B 190 -9.04 -14.47 -26.43
N VAL B 191 -9.88 -13.72 -27.15
CA VAL B 191 -10.19 -14.10 -28.52
C VAL B 191 -8.90 -14.20 -29.32
N SER B 192 -8.60 -15.37 -29.89
CA SER B 192 -7.35 -15.55 -30.63
C SER B 192 -7.58 -15.81 -32.12
N PHE B 193 -8.30 -16.86 -32.50
CA PHE B 193 -8.56 -17.10 -33.92
C PHE B 193 -9.67 -18.12 -34.08
N GLY B 194 -10.11 -18.29 -35.32
CA GLY B 194 -11.07 -19.33 -35.64
C GLY B 194 -11.12 -19.53 -37.13
N LYS B 195 -11.67 -20.68 -37.52
CA LYS B 195 -11.86 -20.93 -38.95
C LYS B 195 -12.89 -19.97 -39.52
N ALA B 196 -12.62 -19.48 -40.77
CA ALA B 196 -13.56 -18.64 -41.51
C ALA B 196 -14.54 -19.52 -42.29
N PRO B 197 -15.80 -19.08 -42.47
CA PRO B 197 -16.38 -17.84 -41.96
C PRO B 197 -16.86 -17.94 -40.51
N CYS B 198 -17.26 -16.81 -39.93
CA CYS B 198 -17.69 -16.80 -38.54
C CYS B 198 -19.05 -17.46 -38.38
N GLY B 199 -19.29 -18.01 -37.19
CA GLY B 199 -20.61 -18.52 -36.84
C GLY B 199 -21.01 -19.81 -37.52
N GLN B 200 -20.07 -20.73 -37.72
CA GLN B 200 -20.37 -22.03 -38.31
C GLN B 200 -20.80 -23.02 -37.25
N VAL B 201 -21.87 -23.78 -37.53
CA VAL B 201 -22.27 -24.86 -36.63
C VAL B 201 -21.15 -25.87 -36.55
N GLY B 202 -20.74 -26.22 -35.33
CA GLY B 202 -19.68 -27.19 -35.13
C GLY B 202 -18.27 -26.65 -35.20
N VAL B 203 -18.09 -25.34 -35.36
CA VAL B 203 -16.75 -24.75 -35.40
C VAL B 203 -16.62 -23.72 -34.28
N PRO B 204 -16.08 -24.09 -33.13
CA PRO B 204 -15.85 -23.12 -32.06
C PRO B 204 -14.70 -22.19 -32.41
N GLY B 205 -14.65 -21.07 -31.69
CA GLY B 205 -13.49 -20.21 -31.76
C GLY B 205 -12.40 -20.66 -30.81
N VAL B 206 -11.17 -20.21 -31.09
CA VAL B 206 -10.01 -20.55 -30.27
C VAL B 206 -9.63 -19.34 -29.44
N TYR B 207 -9.35 -19.60 -28.16
CA TYR B 207 -9.08 -18.57 -27.16
C TYR B 207 -7.75 -18.86 -26.50
N THR B 208 -6.99 -17.81 -26.20
CA THR B 208 -5.73 -17.97 -25.48
C THR B 208 -6.03 -18.52 -24.08
N ASN B 209 -5.33 -19.60 -23.71
CA ASN B 209 -5.66 -20.35 -22.50
C ASN B 209 -4.90 -19.74 -21.32
N LEU B 210 -5.51 -18.72 -20.70
CA LEU B 210 -4.75 -17.88 -19.77
C LEU B 210 -4.33 -18.61 -18.51
N CYS B 211 -5.01 -19.71 -18.14
CA CYS B 211 -4.59 -20.46 -16.96
C CYS B 211 -3.19 -21.03 -17.11
N LYS B 212 -2.65 -21.10 -18.33
CA LYS B 212 -1.31 -21.64 -18.58
C LYS B 212 -0.21 -20.59 -18.41
N PHE B 213 -0.58 -19.32 -18.20
CA PHE B 213 0.38 -18.22 -18.27
C PHE B 213 0.44 -17.41 -16.97
N THR B 214 -0.06 -18.00 -15.88
CA THR B 214 -0.09 -17.30 -14.59
C THR B 214 1.27 -16.76 -14.20
N GLU B 215 2.29 -17.63 -14.22
CA GLU B 215 3.63 -17.20 -13.80
C GLU B 215 4.17 -16.11 -14.71
N TRP B 216 4.02 -16.28 -16.03
CA TRP B 216 4.58 -15.30 -16.96
C TRP B 216 3.90 -13.95 -16.83
N ILE B 217 2.58 -13.92 -16.68
CA ILE B 217 1.88 -12.65 -16.50
C ILE B 217 2.37 -11.94 -15.25
N GLU B 218 2.44 -12.67 -14.13
CA GLU B 218 2.85 -12.05 -12.86
C GLU B 218 4.29 -11.57 -12.94
N LYS B 219 5.18 -12.37 -13.54
CA LYS B 219 6.59 -11.98 -13.64
C LYS B 219 6.76 -10.74 -14.51
N THR B 220 6.02 -10.68 -15.61
CA THR B 220 6.11 -9.54 -16.53
C THR B 220 5.59 -8.27 -15.86
N VAL B 221 4.46 -8.36 -15.15
CA VAL B 221 3.92 -7.19 -14.47
C VAL B 221 4.85 -6.73 -13.36
N GLN B 222 5.55 -7.67 -12.71
CA GLN B 222 6.43 -7.30 -11.61
C GLN B 222 7.77 -6.73 -12.08
N ALA B 223 8.19 -7.03 -13.30
CA ALA B 223 9.52 -6.66 -13.77
C ALA B 223 9.53 -5.51 -14.76
N SER B 224 8.53 -5.43 -15.64
CA SER B 224 8.57 -4.50 -16.76
C SER B 224 7.99 -3.14 -16.40
N ILE C 1 21.70 -11.28 1.38
CA ILE C 1 21.84 -12.43 0.48
C ILE C 1 22.28 -11.95 -0.91
N ILE C 2 23.42 -12.46 -1.40
CA ILE C 2 23.97 -12.05 -2.69
C ILE C 2 23.47 -13.01 -3.76
N ASN C 3 22.87 -12.46 -4.82
CA ASN C 3 22.47 -13.21 -6.02
C ASN C 3 21.43 -14.28 -5.71
N GLY C 4 20.56 -13.99 -4.75
CA GLY C 4 19.38 -14.80 -4.51
C GLY C 4 18.16 -14.22 -5.19
N GLU C 5 16.99 -14.60 -4.68
CA GLU C 5 15.70 -14.18 -5.20
C GLU C 5 14.77 -14.02 -4.01
N ASP C 6 13.66 -13.31 -4.22
CA ASP C 6 12.60 -13.31 -3.22
C ASP C 6 12.25 -14.74 -2.82
N CYS C 7 12.25 -15.02 -1.52
CA CYS C 7 11.68 -16.28 -1.06
C CYS C 7 10.21 -16.32 -1.44
N SER C 8 9.70 -17.52 -1.71
CA SER C 8 8.25 -17.68 -1.75
C SER C 8 7.70 -17.19 -0.42
N PRO C 9 6.65 -16.36 -0.41
CA PRO C 9 6.20 -15.74 0.86
C PRO C 9 5.86 -16.79 1.90
N HIS C 10 6.46 -16.63 3.08
CA HIS C 10 6.23 -17.45 4.27
C HIS C 10 6.70 -18.89 4.09
N SER C 11 7.61 -19.14 3.14
CA SER C 11 8.14 -20.49 2.95
C SER C 11 9.21 -20.86 3.97
N GLN C 12 9.71 -19.90 4.73
CA GLN C 12 10.69 -20.13 5.79
C GLN C 12 10.09 -19.64 7.09
N PRO C 13 9.04 -20.31 7.59
CA PRO C 13 8.25 -19.74 8.70
C PRO C 13 8.95 -19.76 10.05
N TRP C 14 10.13 -20.39 10.15
CA TRP C 14 10.99 -20.29 11.32
C TRP C 14 11.83 -19.03 11.35
N GLN C 15 11.86 -18.24 10.28
CA GLN C 15 12.75 -17.08 10.22
C GLN C 15 12.31 -16.00 11.20
N ALA C 16 13.26 -15.49 11.97
CA ALA C 16 13.02 -14.41 12.93
C ALA C 16 13.86 -13.19 12.54
N ALA C 17 13.22 -12.02 12.50
CA ALA C 17 13.92 -10.77 12.28
C ALA C 17 14.33 -10.16 13.63
N LEU C 18 15.61 -9.79 13.77
CA LEU C 18 16.08 -9.11 14.96
C LEU C 18 16.26 -7.63 14.64
N VAL C 19 15.51 -6.78 15.34
CA VAL C 19 15.40 -5.37 14.99
C VAL C 19 15.69 -4.52 16.21
N MET C 20 16.36 -3.38 15.99
CA MET C 20 16.51 -2.36 17.03
CA MET C 20 16.48 -2.36 17.03
C MET C 20 16.56 -1.00 16.36
N GLU C 21 15.94 -0.01 16.99
CA GLU C 21 15.84 1.33 16.42
C GLU C 21 15.24 1.28 15.01
N ASN C 22 14.27 0.37 14.84
CA ASN C 22 13.50 0.20 13.60
C ASN C 22 14.36 -0.26 12.42
N GLU C 23 15.55 -0.81 12.67
CA GLU C 23 16.39 -1.33 11.61
C GLU C 23 16.81 -2.76 11.92
N LEU C 24 16.73 -3.63 10.93
CA LEU C 24 17.13 -5.01 11.08
C LEU C 24 18.66 -5.11 11.17
N PHE C 25 19.15 -5.91 12.12
CA PHE C 25 20.60 -6.12 12.23
C PHE C 25 21.03 -7.57 12.20
N CYS C 26 20.11 -8.51 12.41
CA CYS C 26 20.41 -9.94 12.35
C CYS C 26 19.10 -10.66 12.10
N SER C 27 19.20 -11.96 11.81
CA SER C 27 18.07 -12.86 11.91
C SER C 27 18.32 -13.87 13.03
N GLY C 28 17.31 -14.71 13.25
CA GLY C 28 17.37 -15.85 14.14
C GLY C 28 16.43 -16.91 13.59
N VAL C 29 16.32 -18.02 14.32
CA VAL C 29 15.53 -19.16 13.88
C VAL C 29 14.68 -19.63 15.03
N LEU C 30 13.35 -19.70 14.83
CA LEU C 30 12.47 -20.26 15.85
C LEU C 30 12.71 -21.76 15.96
N VAL C 31 13.20 -22.22 17.11
CA VAL C 31 13.43 -23.65 17.30
C VAL C 31 12.49 -24.25 18.34
N HIS C 32 11.84 -23.44 19.17
CA HIS C 32 10.71 -23.84 20.00
C HIS C 32 9.78 -22.65 20.09
N PRO C 33 8.53 -22.85 20.50
CA PRO C 33 7.59 -21.70 20.55
C PRO C 33 8.09 -20.54 21.40
N GLN C 34 8.98 -20.74 22.37
CA GLN C 34 9.50 -19.63 23.16
C GLN C 34 10.99 -19.41 22.98
N TRP C 35 11.62 -20.01 21.96
CA TRP C 35 13.08 -19.94 21.85
C TRP C 35 13.52 -19.64 20.43
N VAL C 36 14.32 -18.59 20.28
CA VAL C 36 14.95 -18.23 19.01
C VAL C 36 16.45 -18.51 19.13
N LEU C 37 16.98 -19.24 18.15
CA LEU C 37 18.41 -19.50 18.03
C LEU C 37 19.00 -18.46 17.09
N SER C 38 20.12 -17.85 17.48
CA SER C 38 20.80 -16.88 16.63
C SER C 38 22.31 -17.01 16.84
N ALA C 39 23.07 -16.21 16.09
CA ALA C 39 24.51 -16.09 16.30
C ALA C 39 24.78 -15.32 17.59
N ALA C 40 25.77 -15.78 18.36
CA ALA C 40 26.14 -15.06 19.58
C ALA C 40 26.63 -13.65 19.26
N HIS C 41 27.16 -13.43 18.06
CA HIS C 41 27.62 -12.08 17.75
C HIS C 41 26.46 -11.12 17.45
N CYS C 42 25.22 -11.62 17.42
CA CYS C 42 24.00 -10.79 17.37
C CYS C 42 23.48 -10.40 18.76
N PHE C 43 24.24 -10.69 19.82
CA PHE C 43 23.81 -10.40 21.18
C PHE C 43 23.45 -8.92 21.37
N GLN C 44 22.34 -8.69 22.08
CA GLN C 44 21.95 -7.37 22.55
C GLN C 44 21.32 -7.53 23.93
N ASN C 45 21.27 -6.42 24.68
CA ASN C 45 20.66 -6.52 26.01
C ASN C 45 19.17 -6.83 25.91
N SER C 46 18.50 -6.38 24.86
CA SER C 46 17.12 -6.77 24.60
C SER C 46 16.90 -6.80 23.10
N TYR C 47 15.76 -7.38 22.69
CA TYR C 47 15.47 -7.61 21.28
C TYR C 47 14.02 -7.29 20.93
N THR C 48 13.83 -6.74 19.74
CA THR C 48 12.52 -6.69 19.10
C THR C 48 12.56 -7.73 18.00
N ILE C 49 11.73 -8.76 18.12
CA ILE C 49 11.83 -9.95 17.26
C ILE C 49 10.57 -10.05 16.42
N GLY C 50 10.77 -10.07 15.09
CA GLY C 50 9.67 -10.15 14.16
C GLY C 50 9.52 -11.54 13.60
N LEU C 51 8.31 -12.11 13.77
CA LEU C 51 8.01 -13.46 13.34
C LEU C 51 6.88 -13.44 12.32
N GLY C 52 6.94 -14.37 11.37
CA GLY C 52 5.92 -14.43 10.33
C GLY C 52 6.03 -13.38 9.26
N LEU C 53 7.21 -12.79 9.07
CA LEU C 53 7.38 -11.69 8.14
C LEU C 53 7.78 -12.16 6.75
N HIS C 54 7.58 -11.26 5.78
CA HIS C 54 8.12 -11.42 4.44
C HIS C 54 8.71 -10.08 4.03
N SER C 55 7.88 -9.07 3.82
CA SER C 55 8.39 -7.73 3.98
C SER C 55 8.56 -7.45 5.47
N LEU C 56 9.29 -6.39 5.80
CA LEU C 56 9.51 -6.06 7.21
C LEU C 56 8.42 -5.16 7.77
N GLU C 57 7.44 -4.78 6.95
CA GLU C 57 6.34 -3.93 7.38
C GLU C 57 5.22 -4.77 7.97
N ALA C 58 4.96 -4.59 9.27
CA ALA C 58 3.91 -5.36 9.95
C ALA C 58 2.58 -5.24 9.22
N ASP C 59 2.27 -4.05 8.71
CA ASP C 59 0.97 -3.80 8.08
C ASP C 59 0.74 -4.64 6.83
N GLN C 60 1.81 -5.11 6.21
CA GLN C 60 1.70 -5.94 5.02
C GLN C 60 1.66 -7.43 5.35
N GLU C 61 1.79 -7.78 6.63
CA GLU C 61 1.95 -9.17 7.07
C GLU C 61 0.94 -9.43 8.17
N PRO C 62 -0.31 -9.73 7.83
CA PRO C 62 -1.36 -9.79 8.87
C PRO C 62 -1.16 -10.91 9.89
N GLY C 63 -0.47 -11.99 9.53
CA GLY C 63 -0.20 -13.03 10.52
C GLY C 63 1.10 -12.88 11.28
N SER C 64 1.77 -11.74 11.16
CA SER C 64 3.06 -11.56 11.82
C SER C 64 2.88 -11.14 13.27
N GLN C 65 3.98 -11.22 14.03
CA GLN C 65 4.05 -10.78 15.42
C GLN C 65 5.37 -10.06 15.67
N MET C 66 5.33 -9.00 16.48
CA MET C 66 6.52 -8.36 17.01
C MET C 66 6.53 -8.57 18.52
N VAL C 67 7.53 -9.29 19.02
CA VAL C 67 7.61 -9.64 20.42
C VAL C 67 8.91 -9.10 21.01
N GLU C 68 8.92 -8.96 22.33
CA GLU C 68 10.14 -8.56 23.02
C GLU C 68 10.80 -9.76 23.69
N ALA C 69 12.12 -9.63 23.89
CA ALA C 69 12.89 -10.65 24.59
C ALA C 69 14.12 -9.97 25.20
N SER C 70 14.63 -10.55 26.29
CA SER C 70 15.86 -9.98 26.85
C SER C 70 16.79 -11.02 27.48
N LEU C 71 16.30 -12.24 27.71
CA LEU C 71 17.13 -13.30 28.26
C LEU C 71 17.88 -13.99 27.12
N SER C 72 19.21 -13.79 27.06
CA SER C 72 20.07 -14.45 26.10
C SER C 72 21.00 -15.43 26.82
N VAL C 73 21.26 -16.56 26.18
CA VAL C 73 22.27 -17.50 26.65
C VAL C 73 23.25 -17.72 25.50
N ARG C 74 24.37 -17.01 25.52
CA ARG C 74 25.44 -17.25 24.57
C ARG C 74 26.16 -18.54 24.93
N HIS C 75 26.66 -19.23 23.92
CA HIS C 75 27.45 -20.40 24.21
C HIS C 75 28.60 -19.99 25.14
N PRO C 76 28.93 -20.79 26.15
CA PRO C 76 29.93 -20.35 27.13
C PRO C 76 31.35 -20.24 26.56
N GLU C 77 31.63 -20.84 25.41
CA GLU C 77 32.94 -20.69 24.77
C GLU C 77 32.86 -19.80 23.54
N TYR C 78 31.80 -19.00 23.40
CA TYR C 78 31.70 -18.06 22.30
C TYR C 78 32.94 -17.17 22.25
N ASN C 79 33.55 -17.09 21.07
CA ASN C 79 34.68 -16.22 20.76
C ASN C 79 35.97 -16.70 21.41
N ARG C 80 35.99 -17.92 21.92
CA ARG C 80 37.20 -18.52 22.49
C ARG C 80 37.41 -19.88 21.83
N PRO C 81 38.24 -19.96 20.78
CA PRO C 81 39.04 -18.88 20.18
C PRO C 81 38.22 -17.93 19.31
N LEU C 82 38.87 -16.85 18.85
CA LEU C 82 38.20 -15.76 18.15
C LEU C 82 37.29 -16.28 17.04
N LEU C 83 36.03 -15.83 17.08
CA LEU C 83 34.94 -16.08 16.13
C LEU C 83 34.27 -17.44 16.34
N ALA C 84 34.85 -18.35 17.13
CA ALA C 84 34.30 -19.69 17.28
C ALA C 84 33.05 -19.72 18.16
N ASN C 85 32.31 -20.84 18.06
CA ASN C 85 31.16 -21.13 18.93
C ASN C 85 30.11 -20.01 18.87
N ASP C 86 29.75 -19.62 17.65
CA ASP C 86 28.94 -18.43 17.41
C ASP C 86 27.46 -18.80 17.43
N LEU C 87 26.94 -19.05 18.64
CA LEU C 87 25.51 -19.32 18.77
C LEU C 87 25.01 -18.89 20.14
N MET C 88 23.70 -18.66 20.19
CA MET C 88 23.07 -18.04 21.34
C MET C 88 21.58 -18.38 21.28
N LEU C 89 20.97 -18.65 22.43
CA LEU C 89 19.54 -18.87 22.52
C LEU C 89 18.90 -17.64 23.15
N ILE C 90 17.79 -17.19 22.57
CA ILE C 90 17.01 -16.06 23.08
C ILE C 90 15.68 -16.59 23.56
N LYS C 91 15.33 -16.32 24.81
CA LYS C 91 14.03 -16.73 25.32
C LYS C 91 13.02 -15.62 25.10
N LEU C 92 11.98 -15.90 24.33
CA LEU C 92 10.96 -14.89 24.10
C LEU C 92 10.22 -14.60 25.40
N ASP C 93 9.70 -13.36 25.53
CA ASP C 93 8.98 -12.98 26.74
C ASP C 93 7.74 -13.84 26.95
N GLU C 94 7.15 -14.36 25.88
CA GLU C 94 6.12 -15.37 26.06
C GLU C 94 6.16 -16.31 24.87
N SER C 95 5.68 -17.52 25.09
CA SER C 95 5.63 -18.53 24.05
C SER C 95 4.65 -18.10 22.97
N VAL C 96 5.07 -18.17 21.70
CA VAL C 96 4.22 -17.69 20.61
C VAL C 96 3.23 -18.78 20.20
N SER C 97 2.03 -18.36 19.81
CA SER C 97 1.08 -19.28 19.21
C SER C 97 1.50 -19.54 17.77
N GLU C 98 1.85 -20.78 17.46
CA GLU C 98 2.37 -21.05 16.12
C GLU C 98 1.24 -21.12 15.10
N SER C 99 1.63 -21.00 13.84
CA SER C 99 0.71 -21.01 12.71
C SER C 99 1.43 -21.60 11.51
N ASP C 100 0.75 -21.60 10.37
CA ASP C 100 1.43 -21.99 9.14
C ASP C 100 2.59 -21.07 8.81
N THR C 101 2.56 -19.81 9.27
CA THR C 101 3.59 -18.84 8.91
C THR C 101 4.56 -18.53 10.05
N ILE C 102 4.32 -19.05 11.26
CA ILE C 102 5.23 -18.91 12.40
C ILE C 102 5.37 -20.29 13.03
N ARG C 103 6.51 -20.95 12.84
CA ARG C 103 6.63 -22.29 13.42
C ARG C 103 8.10 -22.68 13.56
N SER C 104 8.33 -23.64 14.44
CA SER C 104 9.66 -24.12 14.75
C SER C 104 10.17 -25.07 13.68
N ILE C 105 11.49 -25.25 13.65
CA ILE C 105 12.13 -26.20 12.75
C ILE C 105 13.08 -27.07 13.56
N SER C 106 13.19 -28.34 13.15
CA SER C 106 14.11 -29.26 13.80
C SER C 106 15.56 -28.96 13.43
N ILE C 107 16.46 -29.15 14.38
CA ILE C 107 17.89 -28.92 14.18
C ILE C 107 18.56 -30.22 13.77
N ALA C 108 19.45 -30.13 12.78
CA ALA C 108 20.13 -31.32 12.27
C ALA C 108 21.00 -31.92 13.37
N SER C 109 20.94 -33.25 13.48
CA SER C 109 21.84 -33.97 14.36
C SER C 109 23.09 -34.47 13.65
N GLN C 110 23.00 -34.70 12.34
CA GLN C 110 24.15 -35.11 11.54
C GLN C 110 24.84 -33.89 10.94
N CYS C 111 26.16 -33.98 10.79
CA CYS C 111 26.96 -32.85 10.36
C CYS C 111 26.90 -32.67 8.84
N PRO C 112 27.30 -31.50 8.33
CA PRO C 112 27.06 -31.21 6.91
C PRO C 112 27.79 -32.17 5.97
N THR C 113 27.23 -32.33 4.78
CA THR C 113 27.82 -33.17 3.74
C THR C 113 28.33 -32.29 2.62
N ALA C 114 29.63 -32.35 2.34
CA ALA C 114 30.21 -31.57 1.25
C ALA C 114 29.51 -31.89 -0.06
N GLY C 115 29.24 -30.83 -0.85
CA GLY C 115 28.54 -30.94 -2.10
C GLY C 115 27.04 -30.84 -2.01
N ASN C 116 26.47 -31.01 -0.82
CA ASN C 116 25.03 -30.87 -0.64
C ASN C 116 24.59 -29.44 -0.91
N SER C 117 23.43 -29.29 -1.54
CA SER C 117 22.87 -27.98 -1.84
C SER C 117 21.90 -27.60 -0.72
N CYS C 118 22.16 -26.47 -0.06
CA CYS C 118 21.35 -26.01 1.05
C CYS C 118 20.84 -24.61 0.76
N LEU C 119 19.87 -24.17 1.56
CA LEU C 119 19.25 -22.86 1.38
C LEU C 119 19.59 -21.95 2.54
N VAL C 120 19.92 -20.70 2.22
N VAL C 120 19.92 -20.70 2.23
CA VAL C 120 20.13 -19.64 3.20
CA VAL C 120 20.12 -19.66 3.25
C VAL C 120 19.15 -18.51 2.91
C VAL C 120 19.20 -18.49 2.93
N SER C 121 18.59 -17.91 3.96
CA SER C 121 17.61 -16.86 3.79
C SER C 121 17.92 -15.69 4.71
N GLY C 122 17.58 -14.48 4.27
CA GLY C 122 17.88 -13.32 5.09
C GLY C 122 17.45 -12.02 4.43
N TRP C 123 17.45 -10.96 5.25
CA TRP C 123 17.18 -9.61 4.80
C TRP C 123 18.46 -8.79 4.67
N GLY C 124 19.63 -9.44 4.64
CA GLY C 124 20.88 -8.74 4.53
C GLY C 124 21.07 -8.12 3.16
N LEU C 125 22.24 -7.50 2.96
CA LEU C 125 22.50 -6.71 1.77
C LEU C 125 22.51 -7.57 0.51
N LEU C 126 22.07 -6.95 -0.58
CA LEU C 126 22.06 -7.53 -1.92
C LEU C 126 23.39 -7.28 -2.61
N ALA C 127 23.53 -7.87 -3.80
CA ALA C 127 24.75 -7.69 -4.59
C ALA C 127 25.02 -6.23 -4.89
N ASN C 128 23.97 -5.41 -5.02
CA ASN C 128 24.17 -3.98 -5.30
C ASN C 128 24.42 -3.17 -4.05
N GLY C 129 24.51 -3.80 -2.89
CA GLY C 129 24.79 -3.10 -1.65
C GLY C 129 23.59 -2.51 -0.95
N ARG C 130 22.39 -2.68 -1.50
CA ARG C 130 21.18 -2.14 -0.90
C ARG C 130 20.42 -3.22 -0.14
N MET C 131 19.42 -2.78 0.62
CA MET C 131 18.64 -3.70 1.43
C MET C 131 17.40 -4.16 0.66
N PRO C 132 17.06 -5.44 0.74
CA PRO C 132 15.88 -5.93 0.03
C PRO C 132 14.60 -5.52 0.73
N THR C 133 13.51 -5.54 -0.05
CA THR C 133 12.19 -5.25 0.48
C THR C 133 11.58 -6.47 1.16
N VAL C 134 11.89 -7.67 0.67
CA VAL C 134 11.35 -8.90 1.23
C VAL C 134 12.47 -9.91 1.43
N LEU C 135 12.16 -10.92 2.23
CA LEU C 135 13.13 -11.95 2.56
C LEU C 135 13.69 -12.61 1.30
N GLN C 136 15.01 -12.74 1.25
CA GLN C 136 15.71 -13.33 0.13
C GLN C 136 16.10 -14.77 0.46
N CYS C 137 16.13 -15.60 -0.57
CA CYS C 137 16.49 -17.00 -0.49
C CYS C 137 17.54 -17.29 -1.55
N VAL C 138 18.57 -18.08 -1.18
CA VAL C 138 19.53 -18.54 -2.18
C VAL C 138 20.03 -19.92 -1.80
N ASN C 139 20.42 -20.69 -2.82
CA ASN C 139 21.02 -22.01 -2.62
C ASN C 139 22.54 -21.90 -2.66
N VAL C 140 23.21 -22.51 -1.68
CA VAL C 140 24.66 -22.59 -1.67
C VAL C 140 25.06 -24.03 -1.40
N SER C 141 26.22 -24.43 -1.90
CA SER C 141 26.71 -25.79 -1.72
C SER C 141 27.70 -25.86 -0.55
N VAL C 142 27.57 -26.91 0.26
CA VAL C 142 28.51 -27.15 1.35
C VAL C 142 29.89 -27.47 0.79
N VAL C 143 30.92 -26.90 1.43
CA VAL C 143 32.30 -27.09 1.01
C VAL C 143 32.97 -28.08 1.96
N SER C 144 33.94 -28.84 1.43
CA SER C 144 34.63 -29.83 2.26
C SER C 144 35.35 -29.19 3.44
N GLU C 145 35.51 -29.97 4.52
CA GLU C 145 36.22 -29.48 5.70
C GLU C 145 37.66 -29.10 5.37
N GLU C 146 38.32 -29.86 4.49
CA GLU C 146 39.70 -29.55 4.15
C GLU C 146 39.81 -28.19 3.48
N VAL C 147 38.85 -27.87 2.61
CA VAL C 147 38.86 -26.56 1.97
C VAL C 147 38.52 -25.46 2.98
N CYS C 148 37.47 -25.67 3.77
CA CYS C 148 37.11 -24.67 4.78
C CYS C 148 38.27 -24.41 5.73
N SER C 149 38.92 -25.47 6.23
CA SER C 149 39.99 -25.31 7.20
CA SER C 149 39.99 -25.31 7.20
C SER C 149 41.18 -24.55 6.60
N LYS C 150 41.52 -24.82 5.34
CA LYS C 150 42.65 -24.12 4.75
C LYS C 150 42.31 -22.67 4.43
N LEU C 151 41.11 -22.42 3.89
CA LEU C 151 40.74 -21.07 3.51
C LEU C 151 40.67 -20.14 4.73
N TYR C 152 40.18 -20.65 5.85
CA TYR C 152 39.98 -19.81 7.03
C TYR C 152 41.01 -20.07 8.12
N ASP C 153 42.05 -20.83 7.83
CA ASP C 153 43.19 -20.91 8.72
C ASP C 153 43.71 -19.51 9.01
N PRO C 154 44.05 -19.18 10.27
CA PRO C 154 44.04 -20.00 11.48
C PRO C 154 42.82 -19.87 12.37
N LEU C 155 41.72 -19.31 11.88
CA LEU C 155 40.54 -19.19 12.73
C LEU C 155 39.55 -20.32 12.55
N TYR C 156 39.71 -21.18 11.55
CA TYR C 156 38.80 -22.30 11.42
C TYR C 156 38.81 -23.14 12.69
N HIS C 157 37.62 -23.51 13.14
CA HIS C 157 37.34 -24.25 14.35
C HIS C 157 36.20 -25.22 14.05
N PRO C 158 36.19 -26.40 14.69
CA PRO C 158 35.16 -27.40 14.33
C PRO C 158 33.73 -26.92 14.58
N SER C 159 33.54 -25.86 15.35
CA SER C 159 32.25 -25.20 15.51
C SER C 159 31.81 -24.47 14.24
N MET C 160 32.56 -24.57 13.16
CA MET C 160 32.30 -23.86 11.91
C MET C 160 32.20 -24.83 10.74
N PHE C 161 31.47 -24.44 9.70
CA PHE C 161 31.60 -25.11 8.40
C PHE C 161 31.38 -24.07 7.32
N CYS C 162 31.73 -24.42 6.07
CA CYS C 162 31.73 -23.48 4.97
C CYS C 162 30.70 -23.85 3.92
N ALA C 163 30.09 -22.84 3.30
CA ALA C 163 29.16 -23.07 2.20
C ALA C 163 29.19 -21.89 1.23
N GLY C 164 29.02 -22.19 -0.05
CA GLY C 164 29.07 -21.14 -1.05
C GLY C 164 30.42 -21.06 -1.73
N GLY C 165 30.83 -19.87 -2.14
CA GLY C 165 32.13 -19.69 -2.75
C GLY C 165 32.20 -19.92 -4.23
N GLY C 166 31.07 -20.18 -4.89
CA GLY C 166 31.12 -20.47 -6.31
C GLY C 166 31.30 -19.24 -7.18
N GLN C 167 31.59 -19.51 -8.47
CA GLN C 167 31.59 -18.45 -9.48
C GLN C 167 30.23 -17.76 -9.58
N ASP C 168 29.15 -18.44 -9.17
CA ASP C 168 27.84 -17.79 -9.21
C ASP C 168 27.72 -16.67 -8.17
N GLN C 169 28.68 -16.55 -7.26
CA GLN C 169 28.70 -15.48 -6.25
C GLN C 169 27.42 -15.46 -5.42
N LYS C 170 26.86 -16.65 -5.17
CA LYS C 170 25.71 -16.82 -4.29
C LYS C 170 26.23 -17.03 -2.87
N ASP C 171 25.83 -16.15 -1.94
CA ASP C 171 26.47 -16.09 -0.64
C ASP C 171 25.58 -15.28 0.30
N SER C 172 25.87 -15.36 1.60
CA SER C 172 25.26 -14.50 2.60
C SER C 172 26.07 -13.20 2.70
N CYS C 173 25.51 -12.19 3.36
CA CYS C 173 26.17 -10.89 3.45
C CYS C 173 25.76 -10.19 4.75
N ASN C 174 26.20 -8.95 4.91
CA ASN C 174 25.94 -8.22 6.15
C ASN C 174 24.45 -8.08 6.39
N GLY C 175 24.01 -8.38 7.62
CA GLY C 175 22.62 -8.36 7.96
C GLY C 175 21.97 -9.72 7.91
N ASP C 176 22.61 -10.69 7.25
CA ASP C 176 22.13 -12.07 7.24
C ASP C 176 22.58 -12.86 8.46
N SER C 177 23.50 -12.32 9.27
CA SER C 177 24.01 -13.02 10.43
C SER C 177 22.88 -13.58 11.29
N GLY C 178 23.10 -14.81 11.80
CA GLY C 178 22.15 -15.43 12.70
C GLY C 178 21.01 -16.17 12.03
N GLY C 179 20.81 -15.97 10.72
CA GLY C 179 19.74 -16.64 10.01
C GLY C 179 20.11 -18.06 9.61
N PRO C 180 19.15 -18.75 9.02
CA PRO C 180 19.27 -20.20 8.85
C PRO C 180 19.98 -20.61 7.58
N LEU C 181 20.69 -21.74 7.69
CA LEU C 181 21.10 -22.54 6.55
C LEU C 181 20.39 -23.89 6.71
N ILE C 182 19.56 -24.23 5.73
CA ILE C 182 18.69 -25.41 5.77
C ILE C 182 19.25 -26.44 4.80
N CYS C 183 19.54 -27.65 5.29
CA CYS C 183 19.95 -28.77 4.44
C CYS C 183 19.00 -29.94 4.66
N ASN C 184 18.38 -30.40 3.57
CA ASN C 184 17.49 -31.56 3.62
C ASN C 184 16.39 -31.38 4.67
N GLY C 185 15.83 -30.18 4.72
CA GLY C 185 14.72 -29.90 5.61
C GLY C 185 15.08 -29.59 7.05
N TYR C 186 16.35 -29.71 7.44
CA TYR C 186 16.79 -29.48 8.81
C TYR C 186 17.60 -28.20 8.92
N LEU C 187 17.53 -27.57 10.08
CA LEU C 187 18.40 -26.43 10.36
C LEU C 187 19.82 -26.94 10.57
N GLN C 188 20.70 -26.63 9.62
CA GLN C 188 22.06 -27.15 9.61
C GLN C 188 23.07 -26.15 10.16
N GLY C 189 22.88 -24.87 9.86
CA GLY C 189 23.83 -23.86 10.32
C GLY C 189 23.15 -22.54 10.57
N LEU C 190 23.91 -21.62 11.15
CA LEU C 190 23.56 -20.20 11.23
C LEU C 190 24.60 -19.38 10.49
N VAL C 191 24.15 -18.34 9.78
CA VAL C 191 25.09 -17.41 9.16
C VAL C 191 26.00 -16.83 10.25
N SER C 192 27.31 -16.98 10.08
CA SER C 192 28.24 -16.51 11.11
C SER C 192 29.17 -15.42 10.58
N PHE C 193 30.09 -15.72 9.67
CA PHE C 193 30.94 -14.67 9.14
C PHE C 193 31.50 -15.09 7.79
N GLY C 194 32.16 -14.14 7.12
CA GLY C 194 32.90 -14.44 5.90
C GLY C 194 33.90 -13.33 5.67
N LYS C 195 34.76 -13.52 4.68
CA LYS C 195 35.68 -12.46 4.29
C LYS C 195 34.95 -11.41 3.45
N ALA C 196 35.33 -10.15 3.64
CA ALA C 196 34.72 -9.09 2.86
C ALA C 196 35.54 -8.83 1.60
N PRO C 197 34.91 -8.37 0.51
CA PRO C 197 33.48 -8.10 0.32
C PRO C 197 32.64 -9.37 0.18
N CYS C 198 31.32 -9.23 0.28
CA CYS C 198 30.45 -10.38 0.10
C CYS C 198 30.48 -10.88 -1.34
N GLY C 199 30.22 -12.17 -1.51
CA GLY C 199 30.03 -12.71 -2.84
C GLY C 199 31.30 -12.82 -3.66
N GLN C 200 32.40 -13.22 -3.04
CA GLN C 200 33.67 -13.36 -3.75
C GLN C 200 33.80 -14.75 -4.35
N VAL C 201 34.27 -14.80 -5.59
CA VAL C 201 34.57 -16.10 -6.20
C VAL C 201 35.66 -16.80 -5.40
N GLY C 202 35.39 -18.05 -5.03
CA GLY C 202 36.34 -18.86 -4.28
C GLY C 202 36.38 -18.61 -2.79
N VAL C 203 35.47 -17.81 -2.26
CA VAL C 203 35.43 -17.48 -0.84
C VAL C 203 34.06 -17.86 -0.30
N PRO C 204 33.93 -19.05 0.29
CA PRO C 204 32.66 -19.42 0.90
C PRO C 204 32.49 -18.69 2.23
N GLY C 205 31.23 -18.64 2.66
CA GLY C 205 30.92 -18.10 3.97
C GLY C 205 30.99 -19.16 5.04
N VAL C 206 31.08 -18.70 6.28
CA VAL C 206 31.23 -19.58 7.43
C VAL C 206 29.92 -19.62 8.20
N TYR C 207 29.52 -20.83 8.59
CA TYR C 207 28.26 -21.07 9.27
C TYR C 207 28.53 -21.80 10.57
N THR C 208 27.77 -21.45 11.61
CA THR C 208 27.84 -22.17 12.87
C THR C 208 27.42 -23.63 12.68
N ASN C 209 28.28 -24.54 13.15
CA ASN C 209 28.12 -25.96 12.88
C ASN C 209 27.22 -26.57 13.94
N LEU C 210 25.91 -26.44 13.72
CA LEU C 210 24.94 -26.76 14.76
C LEU C 210 24.94 -28.22 15.19
N CYS C 211 25.37 -29.15 14.31
CA CYS C 211 25.44 -30.54 14.72
C CYS C 211 26.36 -30.76 15.92
N LYS C 212 27.22 -29.80 16.24
CA LYS C 212 28.13 -29.92 17.37
C LYS C 212 27.51 -29.44 18.68
N PHE C 213 26.30 -28.87 18.64
CA PHE C 213 25.76 -28.21 19.82
C PHE C 213 24.38 -28.71 20.23
N THR C 214 23.92 -29.83 19.68
CA THR C 214 22.54 -30.23 19.93
C THR C 214 22.31 -30.55 21.41
N GLU C 215 23.31 -31.13 22.08
CA GLU C 215 23.19 -31.37 23.52
C GLU C 215 23.12 -30.05 24.29
N TRP C 216 24.02 -29.11 23.99
CA TRP C 216 24.02 -27.84 24.71
C TRP C 216 22.73 -27.06 24.48
N ILE C 217 22.21 -27.10 23.24
CA ILE C 217 20.95 -26.41 22.96
C ILE C 217 19.82 -27.02 23.79
N GLU C 218 19.70 -28.36 23.75
CA GLU C 218 18.64 -29.03 24.50
C GLU C 218 18.75 -28.74 26.00
N LYS C 219 19.96 -28.77 26.53
CA LYS C 219 20.16 -28.52 27.97
C LYS C 219 19.77 -27.11 28.33
N THR C 220 20.12 -26.14 27.48
CA THR C 220 19.86 -24.74 27.79
C THR C 220 18.36 -24.44 27.77
N VAL C 221 17.63 -25.01 26.80
CA VAL C 221 16.19 -24.83 26.75
C VAL C 221 15.50 -25.51 27.94
N GLN C 222 15.98 -26.70 28.32
CA GLN C 222 15.38 -27.44 29.43
C GLN C 222 15.62 -26.76 30.77
N ALA C 223 16.70 -26.00 30.90
CA ALA C 223 17.08 -25.40 32.17
C ALA C 223 16.33 -24.09 32.42
N ILE D 1 10.12 41.57 7.37
CA ILE D 1 11.56 41.29 7.21
C ILE D 1 12.41 42.44 7.75
N ILE D 2 13.29 42.12 8.71
CA ILE D 2 14.14 43.11 9.37
C ILE D 2 15.48 43.16 8.63
N ASN D 3 15.86 44.37 8.21
CA ASN D 3 17.17 44.63 7.63
C ASN D 3 17.39 43.87 6.33
N GLY D 4 16.31 43.67 5.57
CA GLY D 4 16.39 43.15 4.23
C GLY D 4 16.37 44.25 3.20
N GLU D 5 16.04 43.87 1.97
CA GLU D 5 15.93 44.81 0.85
C GLU D 5 14.77 44.37 -0.04
N ASP D 6 14.34 45.27 -0.92
CA ASP D 6 13.40 44.88 -1.96
C ASP D 6 13.93 43.65 -2.67
N CYS D 7 13.09 42.61 -2.77
CA CYS D 7 13.42 41.51 -3.66
C CYS D 7 13.49 42.04 -5.08
N SER D 8 14.32 41.41 -5.90
CA SER D 8 14.22 41.63 -7.34
C SER D 8 12.81 41.28 -7.76
N PRO D 9 12.14 42.11 -8.56
CA PRO D 9 10.73 41.86 -8.88
C PRO D 9 10.52 40.47 -9.49
N HIS D 10 9.59 39.73 -8.88
CA HIS D 10 9.17 38.40 -9.32
C HIS D 10 10.28 37.36 -9.23
N SER D 11 11.30 37.61 -8.40
CA SER D 11 12.35 36.64 -8.18
C SER D 11 11.95 35.53 -7.22
N GLN D 12 10.82 35.67 -6.53
CA GLN D 12 10.29 34.63 -5.64
C GLN D 12 8.89 34.26 -6.11
N PRO D 13 8.77 33.64 -7.29
CA PRO D 13 7.45 33.48 -7.92
C PRO D 13 6.53 32.49 -7.23
N TRP D 14 7.00 31.79 -6.19
CA TRP D 14 6.16 30.93 -5.36
C TRP D 14 5.51 31.68 -4.19
N GLN D 15 5.86 32.95 -3.98
CA GLN D 15 5.34 33.69 -2.83
C GLN D 15 3.84 33.94 -3.00
N ALA D 16 3.07 33.63 -1.96
CA ALA D 16 1.64 33.88 -1.92
C ALA D 16 1.31 34.87 -0.82
N ALA D 17 0.46 35.85 -1.13
CA ALA D 17 -0.01 36.82 -0.15
C ALA D 17 -1.39 36.42 0.33
N LEU D 18 -1.53 36.21 1.64
CA LEU D 18 -2.82 35.90 2.25
C LEU D 18 -3.39 37.21 2.81
N VAL D 19 -4.46 37.71 2.20
CA VAL D 19 -5.02 39.00 2.59
C VAL D 19 -6.46 38.83 3.04
N MET D 20 -6.90 39.78 3.87
CA MET D 20 -8.30 39.93 4.25
C MET D 20 -8.47 41.32 4.83
N GLU D 21 -9.56 41.99 4.45
CA GLU D 21 -9.88 43.34 4.93
C GLU D 21 -8.73 44.32 4.67
N ASN D 22 -8.29 44.37 3.40
CA ASN D 22 -7.26 45.29 2.94
C ASN D 22 -5.88 44.99 3.52
N GLU D 23 -5.77 44.01 4.39
CA GLU D 23 -4.54 43.76 5.13
C GLU D 23 -4.01 42.37 4.82
N LEU D 24 -2.74 42.32 4.44
CA LEU D 24 -2.02 41.06 4.48
C LEU D 24 -1.85 40.63 5.93
N PHE D 25 -2.14 39.36 6.22
CA PHE D 25 -1.91 38.83 7.56
C PHE D 25 -0.89 37.72 7.58
N CYS D 26 -0.59 37.09 6.45
CA CYS D 26 0.37 36.01 6.37
C CYS D 26 0.82 35.90 4.93
N SER D 27 1.89 35.15 4.72
CA SER D 27 2.21 34.65 3.39
C SER D 27 1.97 33.15 3.35
N GLY D 28 2.08 32.61 2.14
CA GLY D 28 2.12 31.19 1.89
C GLY D 28 3.10 30.92 0.75
N VAL D 29 3.23 29.66 0.38
CA VAL D 29 4.19 29.25 -0.64
C VAL D 29 3.49 28.31 -1.62
N LEU D 30 3.48 28.66 -2.91
CA LEU D 30 2.93 27.77 -3.91
C LEU D 30 3.84 26.55 -4.05
N VAL D 31 3.35 25.37 -3.67
CA VAL D 31 4.15 24.15 -3.77
C VAL D 31 3.64 23.21 -4.85
N HIS D 32 2.42 23.39 -5.33
CA HIS D 32 1.89 22.73 -6.51
C HIS D 32 0.91 23.68 -7.17
N PRO D 33 0.57 23.47 -8.44
CA PRO D 33 -0.32 24.45 -9.11
C PRO D 33 -1.65 24.67 -8.40
N GLN D 34 -2.13 23.72 -7.59
CA GLN D 34 -3.37 23.93 -6.85
C GLN D 34 -3.17 23.98 -5.34
N TRP D 35 -1.94 24.10 -4.85
CA TRP D 35 -1.69 23.95 -3.41
C TRP D 35 -0.76 25.03 -2.88
N VAL D 36 -1.22 25.73 -1.84
CA VAL D 36 -0.41 26.72 -1.13
C VAL D 36 -0.11 26.18 0.27
N LEU D 37 1.17 26.13 0.61
CA LEU D 37 1.63 25.75 1.93
C LEU D 37 1.80 27.02 2.76
N SER D 38 1.35 26.98 4.02
CA SER D 38 1.52 28.11 4.93
C SER D 38 1.60 27.59 6.36
N ALA D 39 1.75 28.51 7.31
CA ALA D 39 1.73 28.09 8.71
C ALA D 39 0.31 27.76 9.14
N ALA D 40 0.15 26.74 9.98
CA ALA D 40 -1.17 26.42 10.50
C ALA D 40 -1.76 27.57 11.30
N HIS D 41 -0.93 28.43 11.89
CA HIS D 41 -1.49 29.52 12.67
C HIS D 41 -2.02 30.65 11.80
N CYS D 42 -1.89 30.52 10.47
CA CYS D 42 -2.49 31.44 9.50
C CYS D 42 -3.85 30.95 9.00
N PHE D 43 -4.41 29.92 9.62
CA PHE D 43 -5.65 29.33 9.16
C PHE D 43 -6.78 30.37 9.12
N GLN D 44 -7.63 30.26 8.10
CA GLN D 44 -8.88 31.01 8.00
C GLN D 44 -9.93 30.10 7.36
N ASN D 45 -11.20 30.47 7.53
CA ASN D 45 -12.26 29.65 6.94
C ASN D 45 -12.26 29.74 5.42
N SER D 46 -11.74 30.84 4.87
CA SER D 46 -11.59 31.00 3.43
C SER D 46 -10.50 32.02 3.19
N TYR D 47 -9.98 32.04 1.95
CA TYR D 47 -8.81 32.83 1.64
C TYR D 47 -8.98 33.57 0.33
N THR D 48 -8.43 34.77 0.28
CA THR D 48 -8.15 35.47 -0.97
C THR D 48 -6.64 35.62 -1.08
N ILE D 49 -6.06 35.06 -2.13
CA ILE D 49 -4.62 34.83 -2.20
C ILE D 49 -4.05 35.53 -3.42
N GLY D 50 -3.03 36.36 -3.21
CA GLY D 50 -2.39 37.09 -4.29
C GLY D 50 -1.12 36.38 -4.73
N LEU D 51 -1.08 36.01 -6.00
CA LEU D 51 0.05 35.32 -6.60
C LEU D 51 0.70 36.21 -7.67
N GLY D 52 2.01 36.08 -7.82
CA GLY D 52 2.76 36.87 -8.77
C GLY D 52 2.89 38.33 -8.43
N LEU D 53 2.80 38.67 -7.15
CA LEU D 53 2.86 40.06 -6.70
C LEU D 53 4.29 40.49 -6.41
N HIS D 54 4.48 41.81 -6.38
CA HIS D 54 5.69 42.43 -5.86
C HIS D 54 5.24 43.48 -4.87
N SER D 55 4.66 44.57 -5.38
CA SER D 55 3.76 45.34 -4.53
C SER D 55 2.48 44.54 -4.35
N LEU D 56 1.69 44.93 -3.35
CA LEU D 56 0.43 44.25 -3.10
C LEU D 56 -0.71 44.79 -3.97
N GLU D 57 -0.43 45.73 -4.88
CA GLU D 57 -1.44 46.28 -5.80
C GLU D 57 -1.46 45.43 -7.07
N ALA D 58 -2.52 44.65 -7.26
CA ALA D 58 -2.55 43.65 -8.32
C ALA D 58 -2.53 44.30 -9.70
N ASP D 59 -3.19 45.44 -9.87
CA ASP D 59 -3.22 46.06 -11.19
C ASP D 59 -1.91 46.72 -11.57
N GLN D 60 -0.95 46.81 -10.65
CA GLN D 60 0.40 47.25 -10.97
C GLN D 60 1.36 46.09 -11.18
N GLU D 61 0.85 44.85 -11.18
CA GLU D 61 1.67 43.65 -11.31
C GLU D 61 1.15 42.82 -12.47
N PRO D 62 1.64 43.07 -13.70
CA PRO D 62 1.23 42.25 -14.83
C PRO D 62 1.53 40.77 -14.56
N GLY D 63 0.61 39.91 -15.00
CA GLY D 63 0.73 38.49 -14.77
C GLY D 63 0.28 38.01 -13.41
N SER D 64 -0.05 38.91 -12.48
CA SER D 64 -0.47 38.50 -11.16
C SER D 64 -1.91 37.96 -11.20
N GLN D 65 -2.27 37.24 -10.14
CA GLN D 65 -3.62 36.71 -9.99
C GLN D 65 -4.08 36.86 -8.55
N MET D 66 -5.37 37.11 -8.39
CA MET D 66 -6.05 37.06 -7.10
C MET D 66 -6.98 35.86 -7.14
N VAL D 67 -6.71 34.85 -6.32
CA VAL D 67 -7.43 33.60 -6.39
C VAL D 67 -8.07 33.30 -5.03
N GLU D 68 -9.13 32.51 -5.06
CA GLU D 68 -9.87 32.15 -3.87
C GLU D 68 -9.62 30.68 -3.51
N ALA D 69 -9.82 30.39 -2.23
CA ALA D 69 -9.69 29.05 -1.70
C ALA D 69 -10.53 28.96 -0.43
N SER D 70 -11.20 27.83 -0.25
CA SER D 70 -12.00 27.62 0.95
C SER D 70 -11.56 26.41 1.77
N LEU D 71 -10.87 25.46 1.17
CA LEU D 71 -10.47 24.23 1.83
C LEU D 71 -9.02 24.35 2.28
N SER D 72 -8.77 24.12 3.56
CA SER D 72 -7.40 23.98 4.03
C SER D 72 -7.35 22.94 5.13
N VAL D 73 -6.17 22.37 5.32
CA VAL D 73 -5.93 21.27 6.25
C VAL D 73 -4.74 21.65 7.10
N ARG D 74 -4.96 21.88 8.39
CA ARG D 74 -3.86 22.05 9.33
C ARG D 74 -3.27 20.69 9.67
N HIS D 75 -1.96 20.65 9.92
CA HIS D 75 -1.36 19.41 10.36
C HIS D 75 -2.09 18.90 11.60
N PRO D 76 -2.40 17.61 11.69
CA PRO D 76 -3.26 17.13 12.79
C PRO D 76 -2.61 17.23 14.16
N GLU D 77 -1.29 17.40 14.22
CA GLU D 77 -0.61 17.57 15.51
C GLU D 77 -0.19 19.02 15.73
N TYR D 78 -0.75 19.96 14.97
CA TYR D 78 -0.44 21.37 15.21
C TYR D 78 -0.80 21.73 16.65
N ASN D 79 0.13 22.41 17.32
CA ASN D 79 0.01 22.90 18.70
C ASN D 79 0.06 21.76 19.72
N ARG D 80 0.43 20.55 19.32
CA ARG D 80 0.73 19.46 20.25
C ARG D 80 2.15 18.99 20.01
N PRO D 81 3.15 19.45 20.79
CA PRO D 81 3.04 20.41 21.90
C PRO D 81 2.92 21.86 21.42
N LEU D 82 2.79 22.78 22.38
CA LEU D 82 2.57 24.20 22.12
C LEU D 82 3.45 24.73 20.98
N LEU D 83 2.80 25.30 19.96
CA LEU D 83 3.43 25.99 18.82
C LEU D 83 4.03 25.04 17.78
N ALA D 84 4.05 23.73 18.06
CA ALA D 84 4.74 22.79 17.20
C ALA D 84 3.88 22.40 15.98
N ASN D 85 4.55 21.80 14.99
CA ASN D 85 3.87 21.26 13.80
C ASN D 85 3.04 22.34 13.10
N ASP D 86 3.69 23.49 12.87
CA ASP D 86 2.99 24.70 12.39
C ASP D 86 3.00 24.74 10.87
N LEU D 87 2.15 23.92 10.26
CA LEU D 87 2.00 23.96 8.81
C LEU D 87 0.59 23.57 8.42
N MET D 88 0.15 24.05 7.26
CA MET D 88 -1.14 23.67 6.71
C MET D 88 -1.09 23.83 5.20
N LEU D 89 -2.00 23.11 4.54
CA LEU D 89 -2.11 23.13 3.08
C LEU D 89 -3.46 23.74 2.70
N ILE D 90 -3.41 24.71 1.80
CA ILE D 90 -4.59 25.38 1.28
C ILE D 90 -4.80 24.89 -0.15
N LYS D 91 -5.97 24.33 -0.42
CA LYS D 91 -6.31 23.89 -1.77
C LYS D 91 -6.98 25.04 -2.49
N LEU D 92 -6.33 25.57 -3.53
CA LEU D 92 -6.93 26.61 -4.33
C LEU D 92 -8.18 26.07 -5.04
N ASP D 93 -9.17 26.94 -5.23
CA ASP D 93 -10.40 26.50 -5.88
C ASP D 93 -10.13 25.98 -7.28
N GLU D 94 -9.16 26.58 -7.97
CA GLU D 94 -8.73 26.15 -9.29
C GLU D 94 -7.23 26.00 -9.30
N SER D 95 -6.76 25.05 -10.12
CA SER D 95 -5.34 24.95 -10.39
C SER D 95 -4.90 26.19 -11.18
N VAL D 96 -3.79 26.77 -10.79
CA VAL D 96 -3.35 28.02 -11.41
C VAL D 96 -2.52 27.69 -12.64
N SER D 97 -2.71 28.48 -13.70
CA SER D 97 -1.83 28.40 -14.85
C SER D 97 -0.50 29.06 -14.49
N GLU D 98 0.58 28.28 -14.48
CA GLU D 98 1.84 28.81 -14.00
C GLU D 98 2.56 29.58 -15.10
N SER D 99 3.50 30.42 -14.67
CA SER D 99 4.21 31.31 -15.58
C SER D 99 5.58 31.60 -14.99
N ASP D 100 6.33 32.50 -15.67
CA ASP D 100 7.59 33.01 -15.14
C ASP D 100 7.43 33.62 -13.76
N THR D 101 6.27 34.21 -13.46
CA THR D 101 6.08 34.98 -12.24
C THR D 101 5.19 34.29 -11.22
N ILE D 102 4.55 33.18 -11.59
CA ILE D 102 3.77 32.38 -10.66
C ILE D 102 4.12 30.93 -10.92
N ARG D 103 4.84 30.30 -9.99
CA ARG D 103 5.18 28.90 -10.16
C ARG D 103 5.58 28.30 -8.82
N SER D 104 5.48 26.98 -8.76
CA SER D 104 5.73 26.18 -7.56
C SER D 104 7.22 26.06 -7.27
N ILE D 105 7.54 25.76 -6.01
CA ILE D 105 8.90 25.47 -5.60
C ILE D 105 8.96 24.07 -4.97
N SER D 106 10.03 23.34 -5.28
CA SER D 106 10.27 22.04 -4.69
C SER D 106 10.59 22.16 -3.21
N ILE D 107 10.10 21.19 -2.42
CA ILE D 107 10.31 21.16 -0.98
C ILE D 107 11.55 20.32 -0.67
N ALA D 108 12.35 20.79 0.28
CA ALA D 108 13.57 20.09 0.68
C ALA D 108 13.21 18.76 1.33
N SER D 109 13.87 17.70 0.89
CA SER D 109 13.75 16.42 1.57
C SER D 109 14.82 16.26 2.65
N GLN D 110 16.01 16.84 2.44
CA GLN D 110 17.06 16.83 3.44
C GLN D 110 16.81 17.91 4.48
N CYS D 111 17.21 17.63 5.71
CA CYS D 111 17.01 18.56 6.81
C CYS D 111 18.05 19.66 6.77
N PRO D 112 17.83 20.76 7.50
CA PRO D 112 18.73 21.91 7.37
C PRO D 112 20.14 21.63 7.87
N THR D 113 21.09 22.34 7.30
CA THR D 113 22.50 22.23 7.65
C THR D 113 22.93 23.48 8.39
N ALA D 114 23.40 23.33 9.62
CA ALA D 114 23.90 24.46 10.40
C ALA D 114 24.93 25.24 9.61
N GLY D 115 24.77 26.57 9.59
CA GLY D 115 25.69 27.46 8.92
C GLY D 115 25.35 27.76 7.47
N ASN D 116 24.38 27.07 6.89
CA ASN D 116 24.00 27.36 5.51
C ASN D 116 23.30 28.71 5.43
N SER D 117 23.61 29.47 4.39
CA SER D 117 22.96 30.76 4.17
C SER D 117 21.70 30.54 3.35
N CYS D 118 20.57 31.02 3.86
CA CYS D 118 19.28 30.84 3.22
C CYS D 118 18.64 32.19 3.00
N LEU D 119 17.49 32.21 2.32
CA LEU D 119 16.77 33.43 2.03
C LEU D 119 15.35 33.33 2.57
N VAL D 120 14.89 34.39 3.22
CA VAL D 120 13.49 34.50 3.66
C VAL D 120 12.90 35.76 3.05
N SER D 121 11.62 35.70 2.68
CA SER D 121 10.96 36.81 2.01
C SER D 121 9.57 37.01 2.60
N GLY D 122 9.08 38.25 2.53
CA GLY D 122 7.75 38.53 3.04
C GLY D 122 7.44 40.01 3.05
N TRP D 123 6.16 40.30 3.35
CA TRP D 123 5.66 41.66 3.46
C TRP D 123 5.48 42.10 4.90
N GLY D 124 6.12 41.42 5.85
CA GLY D 124 5.97 41.72 7.26
C GLY D 124 6.70 42.99 7.65
N LEU D 125 6.68 43.27 8.95
CA LEU D 125 7.17 44.55 9.45
C LEU D 125 8.68 44.71 9.21
N LEU D 126 9.07 45.95 8.95
CA LEU D 126 10.45 46.37 8.76
C LEU D 126 11.09 46.71 10.10
N ALA D 127 12.39 47.01 10.08
CA ALA D 127 13.08 47.37 11.32
C ALA D 127 12.46 48.61 11.95
N ASN D 128 11.98 49.56 11.15
CA ASN D 128 11.35 50.75 11.69
C ASN D 128 9.92 50.51 12.16
N GLY D 129 9.43 49.28 12.08
CA GLY D 129 8.08 48.98 12.53
C GLY D 129 6.98 49.28 11.53
N ARG D 130 7.30 49.75 10.34
CA ARG D 130 6.30 50.01 9.32
C ARG D 130 6.23 48.86 8.33
N MET D 131 5.21 48.90 7.47
CA MET D 131 4.98 47.84 6.49
C MET D 131 5.56 48.24 5.15
N PRO D 132 6.32 47.36 4.49
CA PRO D 132 6.91 47.70 3.21
C PRO D 132 5.85 47.75 2.11
N THR D 133 6.19 48.46 1.04
CA THR D 133 5.30 48.51 -0.11
C THR D 133 5.52 47.35 -1.07
N VAL D 134 6.72 46.79 -1.11
CA VAL D 134 7.03 45.65 -1.98
C VAL D 134 7.66 44.54 -1.16
N LEU D 135 7.61 43.33 -1.73
CA LEU D 135 8.14 42.14 -1.09
C LEU D 135 9.62 42.31 -0.71
N GLN D 136 9.96 41.93 0.52
CA GLN D 136 11.30 42.07 1.07
C GLN D 136 12.02 40.74 1.07
N CYS D 137 13.34 40.79 0.89
CA CYS D 137 14.23 39.63 0.85
C CYS D 137 15.41 39.85 1.78
N VAL D 138 15.78 38.83 2.56
CA VAL D 138 16.98 38.92 3.40
C VAL D 138 17.59 37.54 3.53
N ASN D 139 18.91 37.50 3.70
CA ASN D 139 19.60 36.24 3.94
C ASN D 139 19.76 36.01 5.44
N VAL D 140 19.53 34.77 5.87
CA VAL D 140 19.76 34.35 7.24
C VAL D 140 20.44 32.99 7.21
N SER D 141 21.20 32.70 8.25
CA SER D 141 21.95 31.45 8.32
C SER D 141 21.28 30.49 9.31
N VAL D 142 21.28 29.21 8.95
CA VAL D 142 20.72 28.17 9.81
C VAL D 142 21.57 28.03 11.08
N VAL D 143 20.91 27.90 12.22
CA VAL D 143 21.54 27.74 13.52
C VAL D 143 21.50 26.26 13.90
N SER D 144 22.51 25.80 14.64
CA SER D 144 22.56 24.38 14.98
C SER D 144 21.36 23.96 15.82
N GLU D 145 20.97 22.69 15.67
CA GLU D 145 19.88 22.14 16.47
C GLU D 145 20.16 22.31 17.96
N GLU D 146 21.40 22.07 18.39
CA GLU D 146 21.71 22.14 19.82
C GLU D 146 21.47 23.54 20.36
N VAL D 147 21.88 24.56 19.61
CA VAL D 147 21.68 25.94 20.08
C VAL D 147 20.21 26.31 20.00
N CYS D 148 19.54 25.91 18.92
CA CYS D 148 18.12 26.18 18.78
C CYS D 148 17.34 25.58 19.95
N SER D 149 17.66 24.35 20.31
CA SER D 149 16.97 23.68 21.41
C SER D 149 17.23 24.39 22.73
N LYS D 150 18.46 24.84 22.97
CA LYS D 150 18.74 25.55 24.22
C LYS D 150 18.05 26.91 24.25
N LEU D 151 17.99 27.60 23.11
CA LEU D 151 17.40 28.94 23.08
C LEU D 151 15.90 28.89 23.33
N TYR D 152 15.22 27.88 22.79
CA TYR D 152 13.77 27.88 22.80
C TYR D 152 13.15 26.86 23.75
N ASP D 153 13.96 26.02 24.41
CA ASP D 153 13.56 25.22 25.58
C ASP D 153 12.60 26.03 26.46
N PRO D 154 11.40 25.52 26.79
CA PRO D 154 10.84 24.18 26.59
C PRO D 154 9.94 24.05 25.38
N LEU D 155 9.96 25.06 24.50
CA LEU D 155 9.08 25.07 23.34
C LEU D 155 9.75 24.47 22.11
N TYR D 156 11.06 24.24 22.13
CA TYR D 156 11.69 23.62 20.98
C TYR D 156 11.16 22.22 20.77
N HIS D 157 10.88 21.88 19.52
CA HIS D 157 10.34 20.59 19.09
C HIS D 157 10.97 20.27 17.75
N PRO D 158 11.21 18.98 17.43
CA PRO D 158 11.90 18.66 16.16
C PRO D 158 11.16 19.08 14.91
N SER D 159 9.89 19.48 15.00
CA SER D 159 9.18 20.09 13.89
C SER D 159 9.62 21.52 13.61
N MET D 160 10.63 22.01 14.35
CA MET D 160 11.13 23.37 14.25
C MET D 160 12.61 23.37 13.94
N PHE D 161 13.08 24.44 13.30
CA PHE D 161 14.51 24.76 13.29
C PHE D 161 14.70 26.26 13.33
N CYS D 162 15.93 26.68 13.62
CA CYS D 162 16.26 28.08 13.85
C CYS D 162 17.10 28.62 12.71
N ALA D 163 16.85 29.89 12.35
CA ALA D 163 17.70 30.58 11.39
C ALA D 163 17.74 32.06 11.74
N GLY D 164 18.87 32.69 11.47
CA GLY D 164 19.03 34.10 11.82
C GLY D 164 19.70 34.26 13.16
N GLY D 165 19.35 35.32 13.88
CA GLY D 165 19.94 35.60 15.18
C GLY D 165 21.32 36.24 15.18
N GLY D 166 21.82 36.68 14.01
CA GLY D 166 23.15 37.27 13.96
C GLY D 166 23.20 38.73 14.42
N GLN D 167 24.44 39.23 14.61
CA GLN D 167 24.64 40.66 14.89
C GLN D 167 24.08 41.55 13.79
N ASP D 168 23.94 41.03 12.57
CA ASP D 168 23.39 41.82 11.47
C ASP D 168 21.90 42.08 11.62
N GLN D 169 21.26 41.45 12.62
CA GLN D 169 19.85 41.68 12.93
C GLN D 169 18.97 41.44 11.70
N LYS D 170 19.37 40.47 10.89
CA LYS D 170 18.63 40.07 9.71
C LYS D 170 17.71 38.91 10.09
N ASP D 171 16.40 39.13 10.01
CA ASP D 171 15.43 38.19 10.58
C ASP D 171 14.06 38.42 9.94
N SER D 172 13.14 37.50 10.23
CA SER D 172 11.73 37.69 9.90
C SER D 172 11.04 38.44 11.04
N CYS D 173 9.81 38.89 10.78
CA CYS D 173 9.08 39.68 11.77
C CYS D 173 7.59 39.43 11.59
N ASN D 174 6.78 40.12 12.39
CA ASN D 174 5.34 39.96 12.34
C ASN D 174 4.82 40.27 10.95
N GLY D 175 3.93 39.43 10.44
CA GLY D 175 3.44 39.54 9.08
C GLY D 175 4.19 38.69 8.09
N ASP D 176 5.35 38.15 8.47
CA ASP D 176 6.09 37.25 7.60
C ASP D 176 5.68 35.80 7.78
N SER D 177 4.83 35.49 8.76
CA SER D 177 4.47 34.10 9.04
C SER D 177 3.91 33.42 7.81
N GLY D 178 4.27 32.16 7.65
CA GLY D 178 3.81 31.35 6.55
C GLY D 178 4.63 31.46 5.30
N GLY D 179 5.51 32.45 5.21
CA GLY D 179 6.34 32.63 4.04
C GLY D 179 7.54 31.70 4.03
N PRO D 180 8.28 31.75 2.92
CA PRO D 180 9.32 30.75 2.66
C PRO D 180 10.68 31.08 3.25
N LEU D 181 11.38 30.03 3.67
CA LEU D 181 12.82 30.03 3.86
C LEU D 181 13.41 29.09 2.81
N ILE D 182 14.23 29.64 1.92
CA ILE D 182 14.80 28.90 0.80
C ILE D 182 16.27 28.62 1.10
N CYS D 183 16.68 27.36 1.00
CA CYS D 183 18.08 26.98 1.17
C CYS D 183 18.51 26.17 -0.04
N ASN D 184 19.56 26.64 -0.72
CA ASN D 184 20.10 25.95 -1.89
C ASN D 184 19.01 25.69 -2.94
N GLY D 185 18.12 26.67 -3.09
CA GLY D 185 17.08 26.60 -4.10
C GLY D 185 15.86 25.79 -3.73
N TYR D 186 15.84 25.15 -2.56
CA TYR D 186 14.68 24.37 -2.11
C TYR D 186 13.95 25.08 -0.97
N LEU D 187 12.64 24.82 -0.88
CA LEU D 187 11.86 25.32 0.25
C LEU D 187 12.22 24.50 1.48
N GLN D 188 12.89 25.12 2.44
CA GLN D 188 13.38 24.46 3.64
C GLN D 188 12.49 24.67 4.85
N GLY D 189 11.89 25.86 4.98
CA GLY D 189 11.04 26.13 6.12
C GLY D 189 9.95 27.11 5.80
N LEU D 190 9.07 27.29 6.77
CA LEU D 190 8.09 28.37 6.78
C LEU D 190 8.33 29.23 8.00
N VAL D 191 8.16 30.55 7.85
CA VAL D 191 8.23 31.43 9.01
C VAL D 191 7.15 31.03 10.02
N SER D 192 7.57 30.70 11.25
CA SER D 192 6.62 30.22 12.25
C SER D 192 6.50 31.17 13.44
N PHE D 193 7.57 31.40 14.20
CA PHE D 193 7.47 32.31 15.33
C PHE D 193 8.87 32.70 15.77
N GLY D 194 8.92 33.66 16.69
CA GLY D 194 10.18 34.06 17.27
C GLY D 194 9.91 34.89 18.51
N LYS D 195 10.93 35.00 19.35
CA LYS D 195 10.81 35.86 20.53
C LYS D 195 10.71 37.31 20.09
N ALA D 196 9.85 38.08 20.78
CA ALA D 196 9.71 39.49 20.49
C ALA D 196 10.67 40.31 21.35
N PRO D 197 11.16 41.46 20.86
CA PRO D 197 10.89 42.04 19.54
C PRO D 197 11.72 41.43 18.42
N CYS D 198 11.40 41.81 17.20
CA CYS D 198 12.10 41.29 16.03
C CYS D 198 13.53 41.79 15.97
N GLY D 199 14.40 40.95 15.43
CA GLY D 199 15.76 41.35 15.11
C GLY D 199 16.68 41.48 16.29
N GLN D 200 16.54 40.61 17.29
CA GLN D 200 17.44 40.64 18.44
C GLN D 200 18.71 39.85 18.14
N VAL D 201 19.86 40.44 18.46
CA VAL D 201 21.11 39.69 18.37
C VAL D 201 21.03 38.48 19.27
N GLY D 202 21.39 37.31 18.73
CA GLY D 202 21.32 36.08 19.50
C GLY D 202 19.96 35.42 19.58
N VAL D 203 18.95 35.95 18.90
CA VAL D 203 17.62 35.34 18.95
C VAL D 203 17.17 35.02 17.54
N PRO D 204 17.49 33.82 17.04
CA PRO D 204 17.03 33.44 15.71
C PRO D 204 15.54 33.20 15.69
N GLY D 205 14.96 33.29 14.50
CA GLY D 205 13.58 32.90 14.32
C GLY D 205 13.41 31.41 14.19
N VAL D 206 12.21 30.95 14.50
CA VAL D 206 11.86 29.55 14.38
C VAL D 206 11.06 29.33 13.10
N TYR D 207 11.43 28.29 12.36
CA TYR D 207 10.83 27.95 11.08
C TYR D 207 10.28 26.53 11.15
N THR D 208 9.14 26.29 10.49
CA THR D 208 8.62 24.93 10.41
C THR D 208 9.59 24.06 9.63
N ASN D 209 9.92 22.91 10.18
CA ASN D 209 11.02 22.07 9.68
C ASN D 209 10.46 21.12 8.63
N LEU D 210 10.37 21.61 7.38
CA LEU D 210 9.60 20.91 6.35
C LEU D 210 10.16 19.54 5.99
N CYS D 211 11.46 19.29 6.21
CA CYS D 211 12.01 17.96 5.91
C CYS D 211 11.33 16.87 6.72
N LYS D 212 10.69 17.21 7.83
CA LYS D 212 9.99 16.24 8.66
C LYS D 212 8.58 15.93 8.16
N PHE D 213 8.11 16.62 7.13
CA PHE D 213 6.71 16.56 6.73
C PHE D 213 6.53 16.22 5.25
N THR D 214 7.58 15.80 4.56
CA THR D 214 7.43 15.59 3.12
C THR D 214 6.40 14.50 2.83
N GLU D 215 6.32 13.46 3.66
CA GLU D 215 5.30 12.43 3.47
C GLU D 215 3.90 12.95 3.74
N TRP D 216 3.73 13.72 4.81
CA TRP D 216 2.41 14.26 5.11
C TRP D 216 1.92 15.17 4.00
N ILE D 217 2.83 16.01 3.47
CA ILE D 217 2.44 16.91 2.39
C ILE D 217 2.06 16.10 1.15
N GLU D 218 2.91 15.14 0.75
CA GLU D 218 2.64 14.37 -0.46
C GLU D 218 1.30 13.66 -0.39
N LYS D 219 0.98 13.06 0.76
CA LYS D 219 -0.27 12.32 0.88
C LYS D 219 -1.48 13.25 0.97
N THR D 220 -1.31 14.43 1.55
CA THR D 220 -2.44 15.34 1.70
C THR D 220 -2.84 15.96 0.36
N VAL D 221 -1.86 16.18 -0.53
CA VAL D 221 -2.16 16.83 -1.81
C VAL D 221 -2.54 15.86 -2.93
N GLN D 222 -2.49 14.56 -2.70
CA GLN D 222 -2.71 13.61 -3.79
C GLN D 222 -4.15 13.65 -4.27
N ALA D 223 -4.33 13.39 -5.57
CA ALA D 223 -5.67 13.23 -6.12
C ALA D 223 -6.36 12.00 -5.53
N SER D 224 -7.68 12.06 -5.39
CA SER D 224 -8.43 10.93 -4.85
C SER D 224 -8.64 9.86 -5.92
C1 GOL E . -28.49 -2.68 18.44
O1 GOL E . -27.31 -2.21 17.77
C2 GOL E . -29.67 -2.03 17.72
O2 GOL E . -29.45 -0.69 17.59
C3 GOL E . -30.96 -2.38 18.55
O3 GOL E . -30.87 -1.71 19.78
C1 GOL F . -16.39 -19.90 -36.49
O1 GOL F . -17.61 -20.45 -36.09
C2 GOL F . -16.06 -18.74 -35.48
O2 GOL F . -17.09 -17.82 -35.42
C3 GOL F . -15.86 -19.40 -34.11
O3 GOL F . -15.65 -18.34 -33.15
C1 GOL G . -7.85 -7.64 -9.97
O1 GOL G . -8.14 -8.26 -8.75
C2 GOL G . -6.40 -7.10 -9.91
O2 GOL G . -5.84 -7.22 -8.63
C3 GOL G . -6.51 -5.62 -10.37
O3 GOL G . -5.25 -5.02 -10.25
S SO4 H . -8.87 -10.54 -36.57
O1 SO4 H . -8.53 -11.83 -37.19
O2 SO4 H . -9.90 -10.75 -35.55
O3 SO4 H . -9.38 -9.64 -37.60
O4 SO4 H . -7.66 -9.98 -35.96
C1 GOL I . 32.15 -13.97 0.62
O1 GOL I . 32.06 -14.60 -0.64
C2 GOL I . 30.78 -14.16 1.40
O2 GOL I . 29.73 -13.57 0.73
C3 GOL I . 30.54 -15.67 1.56
O3 GOL I . 29.23 -15.79 2.08
C1 GOL J . 13.55 36.18 14.89
O1 GOL J . 13.33 36.05 13.51
C2 GOL J . 13.96 37.62 15.14
O2 GOL J . 13.21 38.53 14.47
C3 GOL J . 13.95 37.83 16.65
O3 GOL J . 15.22 38.34 16.90
C1 GOL K . 5.42 21.40 -8.06
O1 GOL K . 4.26 20.77 -8.47
C2 GOL K . 6.61 20.56 -8.52
O2 GOL K . 6.42 19.20 -8.32
C3 GOL K . 7.80 21.10 -7.69
O3 GOL K . 8.80 20.16 -7.79
S SO4 L . 2.55 36.93 13.14
O1 SO4 L . 1.95 38.26 13.20
O2 SO4 L . 1.55 35.94 12.76
O3 SO4 L . 3.08 36.58 14.47
O4 SO4 L . 3.65 36.93 12.18
#